data_1CN2
#
_entry.id   1CN2
#
_cell.length_a   1.000
_cell.length_b   1.000
_cell.length_c   1.000
_cell.angle_alpha   90.00
_cell.angle_beta   90.00
_cell.angle_gamma   90.00
#
_symmetry.space_group_name_H-M   'P 1'
#
_entity_poly.entity_id   1
_entity_poly.type   'polypeptide(L)'
_entity_poly.pdbx_seq_one_letter_code
;KEGYLVDKNTGCKYECLKLGDNDYCLRECKQQYGKGAGGYCYAFACWCTHLYEQAIVWPLPNKRCS(NH2)
;
_entity_poly.pdbx_strand_id   A
#
loop_
_chem_comp.id
_chem_comp.type
_chem_comp.name
_chem_comp.formula
NH2 non-polymer 'AMINO GROUP' 'H2 N'
#
# COMPACT_ATOMS: atom_id res chain seq x y z
N LYS A 1 8.53 -8.41 2.99
CA LYS A 1 8.78 -6.97 3.07
C LYS A 1 7.44 -6.23 3.00
N GLU A 2 6.57 -6.54 3.95
CA GLU A 2 5.17 -6.18 3.83
C GLU A 2 4.89 -4.91 4.63
N GLY A 3 3.80 -4.24 4.25
CA GLY A 3 3.34 -3.08 4.99
C GLY A 3 2.30 -2.30 4.19
N TYR A 4 2.11 -1.05 4.59
CA TYR A 4 1.31 -0.12 3.81
C TYR A 4 2.09 0.40 2.60
N LEU A 5 1.52 0.18 1.43
CA LEU A 5 2.07 0.76 0.21
C LEU A 5 2.04 2.27 0.32
N VAL A 6 2.76 2.92 -0.60
CA VAL A 6 3.22 4.28 -0.38
C VAL A 6 2.99 5.10 -1.65
N ASP A 7 2.69 6.37 -1.45
CA ASP A 7 2.71 7.33 -2.56
C ASP A 7 4.15 7.66 -2.91
N LYS A 8 4.51 7.33 -4.15
CA LYS A 8 5.91 7.28 -4.53
C LYS A 8 6.43 8.70 -4.72
N ASN A 9 5.51 9.64 -4.74
CA ASN A 9 5.85 11.04 -4.92
C ASN A 9 6.12 11.68 -3.55
N THR A 10 5.03 11.97 -2.86
CA THR A 10 5.11 12.82 -1.67
C THR A 10 5.32 11.96 -0.42
N GLY A 11 5.12 10.67 -0.59
CA GLY A 11 5.20 9.75 0.53
C GLY A 11 4.21 10.14 1.63
N CYS A 12 2.99 10.44 1.21
CA CYS A 12 1.87 10.48 2.12
C CYS A 12 1.27 9.08 2.22
N LYS A 13 0.63 8.82 3.35
CA LYS A 13 0.05 7.51 3.60
C LYS A 13 -0.99 7.20 2.52
N TYR A 14 -1.03 5.94 2.11
CA TYR A 14 -1.94 5.53 1.06
C TYR A 14 -3.29 5.09 1.65
N GLU A 15 -4.32 5.84 1.31
CA GLU A 15 -5.60 5.72 1.99
C GLU A 15 -6.54 4.80 1.21
N CYS A 16 -7.03 3.78 1.91
CA CYS A 16 -7.99 2.87 1.32
C CYS A 16 -9.39 3.27 1.80
N LEU A 17 -10.39 2.63 1.19
CA LEU A 17 -11.78 3.01 1.43
C LEU A 17 -12.25 2.38 2.75
N LYS A 18 -13.54 2.08 2.80
CA LYS A 18 -14.15 1.59 4.02
C LYS A 18 -13.32 0.43 4.56
N LEU A 19 -12.95 0.54 5.83
CA LEU A 19 -12.09 -0.44 6.46
C LEU A 19 -12.80 -1.81 6.45
N GLY A 20 -11.99 -2.85 6.38
CA GLY A 20 -12.52 -4.20 6.32
C GLY A 20 -12.50 -4.74 4.89
N ASP A 21 -13.01 -3.92 3.97
CA ASP A 21 -13.26 -4.39 2.62
C ASP A 21 -11.92 -4.57 1.89
N ASN A 22 -11.47 -5.81 1.87
CA ASN A 22 -10.15 -6.12 1.34
C ASN A 22 -10.25 -6.37 -0.18
N ASP A 23 -11.08 -5.56 -0.82
CA ASP A 23 -11.31 -5.71 -2.24
C ASP A 23 -10.58 -4.61 -3.00
N TYR A 24 -10.73 -3.38 -2.50
CA TYR A 24 -10.08 -2.23 -3.11
C TYR A 24 -8.57 -2.26 -2.85
N CYS A 25 -8.21 -2.65 -1.65
CA CYS A 25 -6.80 -2.81 -1.30
C CYS A 25 -6.18 -3.79 -2.30
N LEU A 26 -6.81 -4.95 -2.42
CA LEU A 26 -6.33 -5.97 -3.35
C LEU A 26 -6.18 -5.34 -4.74
N ARG A 27 -7.29 -4.80 -5.23
CA ARG A 27 -7.32 -4.28 -6.59
C ARG A 27 -6.18 -3.28 -6.81
N GLU A 28 -6.05 -2.37 -5.87
CA GLU A 28 -5.14 -1.25 -6.02
C GLU A 28 -3.70 -1.75 -6.11
N CYS A 29 -3.35 -2.64 -5.19
CA CYS A 29 -2.01 -3.17 -5.13
C CYS A 29 -1.78 -4.04 -6.36
N LYS A 30 -2.87 -4.59 -6.88
CA LYS A 30 -2.81 -5.43 -8.06
C LYS A 30 -2.33 -4.59 -9.25
N GLN A 31 -3.00 -3.46 -9.42
CA GLN A 31 -2.76 -2.64 -10.61
C GLN A 31 -1.94 -1.40 -10.24
N GLN A 32 -0.89 -1.63 -9.47
CA GLN A 32 0.22 -0.69 -9.43
C GLN A 32 1.48 -1.39 -8.91
N TYR A 33 1.28 -2.24 -7.91
CA TYR A 33 2.38 -2.99 -7.34
C TYR A 33 2.34 -4.45 -7.77
N GLY A 34 1.75 -4.67 -8.94
CA GLY A 34 2.06 -5.84 -9.73
C GLY A 34 0.88 -6.83 -9.74
N LYS A 35 0.68 -7.46 -10.89
CA LYS A 35 -0.40 -8.42 -11.04
C LYS A 35 0.01 -9.73 -10.38
N GLY A 36 0.16 -9.68 -9.06
CA GLY A 36 0.26 -10.89 -8.27
C GLY A 36 0.25 -10.56 -6.77
N ALA A 37 -0.45 -9.50 -6.44
CA ALA A 37 -0.32 -8.89 -5.12
C ALA A 37 -1.54 -9.24 -4.27
N GLY A 38 -1.46 -8.86 -3.00
CA GLY A 38 -2.60 -9.03 -2.10
C GLY A 38 -2.48 -8.12 -0.89
N GLY A 39 -3.56 -8.03 -0.13
CA GLY A 39 -3.66 -7.06 0.93
C GLY A 39 -5.08 -7.03 1.52
N TYR A 40 -5.27 -6.11 2.46
CA TYR A 40 -6.60 -5.84 2.98
C TYR A 40 -6.69 -4.44 3.56
N CYS A 41 -7.92 -4.04 3.89
CA CYS A 41 -8.18 -2.67 4.30
C CYS A 41 -8.22 -2.61 5.83
N TYR A 42 -7.20 -1.99 6.40
CA TYR A 42 -7.28 -1.52 7.77
C TYR A 42 -8.02 -0.18 7.86
N ALA A 43 -7.97 0.41 9.04
CA ALA A 43 -8.56 1.72 9.25
C ALA A 43 -8.03 2.69 8.20
N PHE A 44 -8.73 2.74 7.08
CA PHE A 44 -8.38 3.69 6.02
C PHE A 44 -6.91 3.58 5.65
N ALA A 45 -6.45 2.35 5.49
CA ALA A 45 -5.08 2.10 5.07
C ALA A 45 -4.98 0.69 4.47
N CYS A 46 -4.33 0.61 3.33
CA CYS A 46 -4.23 -0.65 2.61
C CYS A 46 -2.91 -1.31 2.98
N TRP A 47 -3.01 -2.30 3.86
CA TRP A 47 -1.86 -3.14 4.18
C TRP A 47 -1.77 -4.24 3.12
N CYS A 48 -0.66 -4.23 2.40
CA CYS A 48 -0.45 -5.20 1.33
C CYS A 48 0.67 -6.14 1.76
N THR A 49 0.54 -7.39 1.34
CA THR A 49 1.15 -8.49 2.08
C THR A 49 1.40 -9.68 1.14
N HIS A 50 2.27 -9.45 0.17
CA HIS A 50 2.43 -10.39 -0.93
C HIS A 50 3.57 -9.92 -1.84
N LEU A 51 4.54 -9.26 -1.23
CA LEU A 51 5.34 -8.29 -1.94
C LEU A 51 6.80 -8.75 -1.95
N TYR A 52 7.60 -8.07 -2.77
CA TYR A 52 9.00 -8.43 -2.91
C TYR A 52 9.91 -7.37 -2.28
N GLU A 53 11.21 -7.63 -2.37
CA GLU A 53 12.19 -6.73 -1.77
C GLU A 53 12.05 -5.33 -2.35
N GLN A 54 11.62 -5.28 -3.60
CA GLN A 54 11.44 -4.01 -4.29
C GLN A 54 10.01 -3.50 -4.11
N ALA A 55 9.43 -3.85 -2.96
CA ALA A 55 8.32 -3.08 -2.42
C ALA A 55 8.80 -2.25 -1.24
N ILE A 56 8.60 -0.94 -1.35
CA ILE A 56 8.78 -0.05 -0.21
C ILE A 56 7.44 0.11 0.50
N VAL A 57 7.52 0.36 1.79
CA VAL A 57 6.33 0.62 2.59
C VAL A 57 6.45 2.00 3.24
N TRP A 58 5.30 2.64 3.39
CA TRP A 58 5.28 4.04 3.79
C TRP A 58 6.03 4.17 5.12
N PRO A 59 6.58 5.40 5.35
CA PRO A 59 6.76 6.35 4.27
C PRO A 59 7.93 5.96 3.36
N LEU A 60 8.33 6.89 2.52
CA LEU A 60 9.70 6.94 2.04
C LEU A 60 10.62 7.34 3.19
N PRO A 61 11.92 6.95 3.05
CA PRO A 61 12.95 7.41 3.98
C PRO A 61 13.32 8.86 3.71
N ASN A 62 13.63 9.15 2.46
CA ASN A 62 14.42 10.32 2.12
C ASN A 62 13.49 11.43 1.61
N LYS A 63 12.19 11.15 1.69
CA LYS A 63 11.20 12.16 1.35
C LYS A 63 9.81 11.66 1.78
N ARG A 64 9.64 11.56 3.09
CA ARG A 64 8.30 11.42 3.65
C ARG A 64 7.50 12.71 3.46
N CYS A 65 6.20 12.60 3.67
CA CYS A 65 5.33 13.76 3.61
C CYS A 65 5.70 14.71 4.75
N SER A 66 6.36 15.79 4.39
CA SER A 66 6.78 16.78 5.38
C SER A 66 5.57 17.58 5.86
N NH2 A 67 4.90 17.03 6.87
HN1 NH2 A 67 5.21 16.17 7.25
HN2 NH2 A 67 4.10 17.50 7.24
N LYS A 1 8.59 -8.08 4.60
CA LYS A 1 8.40 -7.53 3.26
C LYS A 1 6.91 -7.22 3.07
N GLU A 2 6.28 -6.82 4.16
CA GLU A 2 4.86 -6.48 4.11
C GLU A 2 4.60 -5.18 4.87
N GLY A 3 3.91 -4.27 4.20
CA GLY A 3 3.74 -2.92 4.73
C GLY A 3 2.55 -2.22 4.05
N TYR A 4 2.27 -1.02 4.54
CA TYR A 4 1.32 -0.14 3.86
C TYR A 4 1.92 0.41 2.57
N LEU A 5 1.05 0.61 1.59
CA LEU A 5 1.48 1.10 0.29
C LEU A 5 1.63 2.62 0.34
N VAL A 6 2.09 3.17 -0.78
CA VAL A 6 2.90 4.37 -0.72
C VAL A 6 2.79 5.12 -2.06
N ASP A 7 2.88 6.44 -1.97
CA ASP A 7 2.94 7.27 -3.16
C ASP A 7 4.40 7.62 -3.44
N LYS A 8 4.70 7.75 -4.73
CA LYS A 8 6.05 8.09 -5.15
C LYS A 8 6.19 9.62 -5.22
N ASN A 9 5.06 10.27 -5.46
CA ASN A 9 5.06 11.72 -5.63
C ASN A 9 5.18 12.38 -4.27
N THR A 10 4.06 12.42 -3.56
CA THR A 10 3.99 13.15 -2.31
C THR A 10 4.52 12.30 -1.15
N GLY A 11 4.51 11.00 -1.37
CA GLY A 11 4.75 10.06 -0.28
C GLY A 11 3.68 10.19 0.79
N CYS A 12 2.49 10.58 0.36
CA CYS A 12 1.36 10.70 1.26
C CYS A 12 0.28 9.72 0.81
N LYS A 13 -0.40 9.13 1.78
CA LYS A 13 -1.82 8.88 1.66
C LYS A 13 -2.05 7.72 0.68
N TYR A 14 -2.06 6.52 1.23
CA TYR A 14 -2.55 5.36 0.49
C TYR A 14 -3.40 4.46 1.38
N GLU A 15 -4.69 4.46 1.08
CA GLU A 15 -5.69 4.16 2.10
C GLU A 15 -7.04 3.89 1.45
N CYS A 16 -7.97 3.39 2.26
CA CYS A 16 -9.30 3.08 1.77
C CYS A 16 -10.31 3.45 2.86
N LEU A 17 -11.46 3.94 2.42
CA LEU A 17 -12.52 4.31 3.33
C LEU A 17 -13.13 3.05 3.94
N LYS A 18 -13.27 3.07 5.25
CA LYS A 18 -13.75 1.91 5.98
C LYS A 18 -12.69 0.82 5.95
N LEU A 19 -12.60 0.08 7.05
CA LEU A 19 -11.68 -1.05 7.13
C LEU A 19 -12.44 -2.33 6.78
N GLY A 20 -11.67 -3.35 6.42
CA GLY A 20 -12.25 -4.66 6.16
C GLY A 20 -12.33 -4.95 4.66
N ASP A 21 -12.93 -4.00 3.94
CA ASP A 21 -13.30 -4.24 2.56
C ASP A 21 -12.05 -4.26 1.69
N ASN A 22 -11.50 -5.46 1.53
CA ASN A 22 -10.24 -5.61 0.82
C ASN A 22 -10.51 -5.70 -0.68
N ASP A 23 -11.12 -4.64 -1.20
CA ASP A 23 -11.32 -4.52 -2.64
C ASP A 23 -10.37 -3.47 -3.20
N TYR A 24 -10.61 -2.23 -2.80
CA TYR A 24 -9.84 -1.11 -3.31
C TYR A 24 -8.35 -1.28 -3.00
N CYS A 25 -8.08 -1.77 -1.79
CA CYS A 25 -6.72 -1.94 -1.34
C CYS A 25 -6.05 -3.02 -2.19
N LEU A 26 -6.85 -4.03 -2.53
CA LEU A 26 -6.38 -5.07 -3.42
C LEU A 26 -6.04 -4.46 -4.78
N ARG A 27 -6.96 -3.66 -5.28
CA ARG A 27 -6.82 -3.07 -6.60
C ARG A 27 -5.58 -2.18 -6.65
N GLU A 28 -5.39 -1.43 -5.57
CA GLU A 28 -4.25 -0.53 -5.48
C GLU A 28 -2.94 -1.33 -5.53
N CYS A 29 -2.90 -2.39 -4.73
CA CYS A 29 -1.77 -3.28 -4.73
C CYS A 29 -1.53 -3.77 -6.17
N LYS A 30 -2.62 -4.17 -6.80
CA LYS A 30 -2.53 -4.95 -8.02
C LYS A 30 -2.29 -4.01 -9.21
N GLN A 31 -2.51 -2.73 -8.96
CA GLN A 31 -2.00 -1.70 -9.85
C GLN A 31 -0.84 -0.95 -9.21
N GLN A 32 0.17 -1.72 -8.81
CA GLN A 32 1.55 -1.25 -8.90
C GLN A 32 2.52 -2.35 -8.46
N TYR A 33 1.99 -3.25 -7.63
CA TYR A 33 2.54 -4.59 -7.55
C TYR A 33 1.62 -5.61 -8.22
N GLY A 34 1.18 -5.26 -9.42
CA GLY A 34 0.31 -6.14 -10.18
C GLY A 34 0.96 -7.51 -10.40
N LYS A 35 2.26 -7.56 -10.14
CA LYS A 35 2.98 -8.82 -10.18
C LYS A 35 2.61 -9.65 -8.95
N GLY A 36 1.36 -10.11 -8.93
CA GLY A 36 1.02 -11.30 -8.19
C GLY A 36 0.88 -10.98 -6.70
N ALA A 37 0.53 -9.74 -6.41
CA ALA A 37 0.55 -9.25 -5.04
C ALA A 37 -0.88 -9.13 -4.52
N GLY A 38 -0.99 -8.63 -3.29
CA GLY A 38 -2.28 -8.58 -2.62
C GLY A 38 -2.16 -7.85 -1.28
N GLY A 39 -3.29 -7.72 -0.62
CA GLY A 39 -3.45 -6.72 0.43
C GLY A 39 -4.90 -6.65 0.92
N TYR A 40 -5.12 -5.77 1.89
CA TYR A 40 -6.46 -5.55 2.40
C TYR A 40 -6.56 -4.20 3.10
N CYS A 41 -7.76 -3.90 3.60
CA CYS A 41 -8.01 -2.62 4.22
C CYS A 41 -7.94 -2.79 5.74
N TYR A 42 -6.87 -2.25 6.31
CA TYR A 42 -6.80 -2.09 7.75
C TYR A 42 -7.51 -0.81 8.20
N ALA A 43 -7.23 -0.41 9.43
CA ALA A 43 -7.76 0.83 9.95
C ALA A 43 -7.41 1.98 9.00
N PHE A 44 -8.27 2.16 8.01
CA PHE A 44 -8.13 3.28 7.10
C PHE A 44 -6.71 3.36 6.53
N ALA A 45 -6.20 2.19 6.14
CA ALA A 45 -4.92 2.13 5.45
C ALA A 45 -4.80 0.77 4.74
N CYS A 46 -4.07 0.79 3.64
CA CYS A 46 -4.05 -0.36 2.73
C CYS A 46 -2.75 -1.12 2.98
N TRP A 47 -2.89 -2.27 3.64
CA TRP A 47 -1.74 -3.10 3.95
C TRP A 47 -1.61 -4.17 2.85
N CYS A 48 -0.46 -4.15 2.20
CA CYS A 48 -0.16 -5.16 1.20
C CYS A 48 0.72 -6.23 1.86
N THR A 49 0.53 -7.46 1.42
CA THR A 49 1.08 -8.60 2.14
C THR A 49 1.41 -9.74 1.17
N HIS A 50 1.84 -9.34 -0.02
CA HIS A 50 2.36 -10.29 -0.99
C HIS A 50 3.31 -9.58 -1.95
N LEU A 51 4.03 -8.61 -1.41
CA LEU A 51 5.08 -7.94 -2.17
C LEU A 51 6.26 -8.90 -2.34
N TYR A 52 7.25 -8.44 -3.07
CA TYR A 52 8.55 -9.10 -3.08
C TYR A 52 9.60 -8.27 -2.35
N GLU A 53 10.85 -8.66 -2.53
CA GLU A 53 11.96 -7.94 -1.92
C GLU A 53 11.84 -6.45 -2.23
N GLN A 54 11.25 -6.15 -3.38
CA GLN A 54 11.09 -4.77 -3.81
C GLN A 54 9.72 -4.23 -3.37
N ALA A 55 9.29 -4.69 -2.21
CA ALA A 55 8.34 -3.92 -1.43
C ALA A 55 8.89 -2.54 -1.16
N ILE A 56 8.13 -1.54 -1.60
CA ILE A 56 8.26 -0.20 -1.04
C ILE A 56 7.00 0.13 -0.25
N VAL A 57 7.20 0.69 0.93
CA VAL A 57 6.13 0.80 1.91
C VAL A 57 6.19 2.17 2.58
N TRP A 58 5.02 2.66 2.97
CA TRP A 58 4.92 3.99 3.55
C TRP A 58 5.47 3.92 4.98
N PRO A 59 5.93 5.10 5.47
CA PRO A 59 6.38 6.16 4.59
C PRO A 59 7.74 5.83 3.98
N LEU A 60 8.24 6.77 3.19
CA LEU A 60 9.57 6.63 2.61
C LEU A 60 10.59 7.31 3.52
N PRO A 61 11.86 6.85 3.40
CA PRO A 61 12.90 7.27 4.32
C PRO A 61 13.35 8.70 4.03
N ASN A 62 13.65 8.94 2.76
CA ASN A 62 14.43 10.12 2.38
C ASN A 62 13.50 11.18 1.80
N LYS A 63 12.21 10.89 1.84
CA LYS A 63 11.20 11.85 1.43
C LYS A 63 9.82 11.34 1.84
N ARG A 64 9.62 11.24 3.15
CA ARG A 64 8.29 11.07 3.69
C ARG A 64 7.43 12.30 3.39
N CYS A 65 6.12 12.12 3.54
CA CYS A 65 5.20 13.24 3.45
C CYS A 65 5.65 14.30 4.47
N SER A 66 5.59 15.55 4.03
CA SER A 66 6.07 16.66 4.84
C SER A 66 5.24 16.76 6.12
N NH2 A 67 3.96 17.03 5.93
HN1 NH2 A 67 3.59 17.09 5.01
HN2 NH2 A 67 3.36 17.19 6.72
N LYS A 1 8.42 -8.84 2.88
CA LYS A 1 8.73 -7.50 3.36
C LYS A 1 7.48 -6.63 3.26
N GLU A 2 6.47 -7.00 4.03
CA GLU A 2 5.12 -6.56 3.76
C GLU A 2 4.83 -5.25 4.49
N GLY A 3 3.96 -4.45 3.89
CA GLY A 3 3.56 -3.19 4.49
C GLY A 3 2.53 -2.47 3.62
N TYR A 4 2.30 -1.21 3.94
CA TYR A 4 1.44 -0.37 3.13
C TYR A 4 2.03 -0.14 1.74
N LEU A 5 1.19 0.36 0.84
CA LEU A 5 1.68 0.94 -0.39
C LEU A 5 2.07 2.40 -0.15
N VAL A 6 2.72 2.98 -1.14
CA VAL A 6 3.28 4.32 -0.99
C VAL A 6 3.39 4.98 -2.36
N ASP A 7 3.25 6.29 -2.37
CA ASP A 7 3.52 7.08 -3.55
C ASP A 7 4.97 7.57 -3.52
N LYS A 8 5.70 7.24 -4.58
CA LYS A 8 7.14 7.42 -4.56
C LYS A 8 7.47 8.91 -4.47
N ASN A 9 6.54 9.72 -4.94
CA ASN A 9 6.76 11.16 -4.99
C ASN A 9 6.71 11.74 -3.58
N THR A 10 5.51 11.90 -3.08
CA THR A 10 5.31 12.64 -1.83
C THR A 10 5.25 11.68 -0.65
N GLY A 11 4.98 10.42 -0.95
CA GLY A 11 4.55 9.48 0.08
C GLY A 11 3.20 9.89 0.67
N CYS A 12 2.32 10.35 -0.21
CA CYS A 12 0.93 10.56 0.15
C CYS A 12 0.10 9.41 -0.41
N LYS A 13 -1.21 9.57 -0.35
CA LYS A 13 -2.12 8.61 -0.95
C LYS A 13 -2.07 7.30 -0.16
N TYR A 14 -2.90 6.37 -0.57
CA TYR A 14 -3.15 5.17 0.22
C TYR A 14 -3.44 5.54 1.68
N GLU A 15 -4.72 5.76 1.96
CA GLU A 15 -5.12 6.32 3.22
C GLU A 15 -6.59 5.99 3.52
N CYS A 16 -6.81 4.74 3.90
CA CYS A 16 -8.06 4.06 3.59
C CYS A 16 -9.04 4.31 4.75
N LEU A 17 -9.80 5.39 4.61
CA LEU A 17 -10.94 5.60 5.47
C LEU A 17 -11.88 4.39 5.38
N LYS A 18 -12.43 4.02 6.52
CA LYS A 18 -13.15 2.76 6.62
C LYS A 18 -12.20 1.60 6.32
N LEU A 19 -11.38 1.28 7.30
CA LEU A 19 -10.57 0.08 7.25
C LEU A 19 -11.48 -1.14 7.05
N GLY A 20 -10.93 -2.15 6.40
CA GLY A 20 -11.69 -3.36 6.12
C GLY A 20 -11.82 -3.58 4.61
N ASP A 21 -12.36 -2.57 3.93
CA ASP A 21 -12.84 -2.76 2.57
C ASP A 21 -11.64 -3.01 1.65
N ASN A 22 -11.38 -4.28 1.40
CA ASN A 22 -10.20 -4.67 0.66
C ASN A 22 -10.57 -4.88 -0.81
N ASP A 23 -11.13 -3.83 -1.40
CA ASP A 23 -11.61 -3.90 -2.77
C ASP A 23 -10.65 -3.16 -3.69
N TYR A 24 -10.63 -1.84 -3.54
CA TYR A 24 -9.72 -1.01 -4.30
C TYR A 24 -8.28 -1.25 -3.89
N CYS A 25 -8.11 -1.66 -2.64
CA CYS A 25 -6.81 -2.10 -2.16
C CYS A 25 -6.33 -3.25 -3.05
N LEU A 26 -7.13 -4.30 -3.09
CA LEU A 26 -6.76 -5.50 -3.81
C LEU A 26 -6.44 -5.13 -5.27
N ARG A 27 -7.32 -4.32 -5.84
CA ARG A 27 -7.19 -3.94 -7.23
C ARG A 27 -5.84 -3.27 -7.49
N GLU A 28 -5.61 -2.20 -6.73
CA GLU A 28 -4.42 -1.38 -6.95
C GLU A 28 -3.16 -2.18 -6.66
N CYS A 29 -3.24 -2.99 -5.60
CA CYS A 29 -2.15 -3.87 -5.25
C CYS A 29 -1.80 -4.72 -6.48
N LYS A 30 -2.82 -5.37 -7.00
CA LYS A 30 -2.62 -6.40 -8.01
C LYS A 30 -2.11 -5.75 -9.30
N GLN A 31 -2.74 -4.65 -9.65
CA GLN A 31 -2.42 -3.97 -10.91
C GLN A 31 -1.66 -2.67 -10.63
N GLN A 32 -0.65 -2.79 -9.79
CA GLN A 32 0.41 -1.79 -9.74
C GLN A 32 1.59 -2.30 -8.92
N TYR A 33 1.27 -3.09 -7.90
CA TYR A 33 2.30 -3.78 -7.13
C TYR A 33 2.13 -5.29 -7.24
N GLY A 34 1.76 -5.74 -8.42
CA GLY A 34 2.20 -7.05 -8.91
C GLY A 34 1.01 -7.97 -9.15
N LYS A 35 1.03 -8.60 -10.31
CA LYS A 35 -0.16 -9.27 -10.82
C LYS A 35 -0.28 -10.64 -10.16
N GLY A 36 -0.45 -10.62 -8.85
CA GLY A 36 -0.47 -11.84 -8.07
C GLY A 36 -0.66 -11.55 -6.58
N ALA A 37 0.05 -10.52 -6.12
CA ALA A 37 0.05 -10.19 -4.71
C ALA A 37 -1.35 -9.73 -4.30
N GLY A 38 -1.58 -9.71 -3.00
CA GLY A 38 -2.84 -9.23 -2.46
C GLY A 38 -2.61 -8.28 -1.28
N GLY A 39 -3.70 -7.94 -0.62
CA GLY A 39 -3.69 -6.83 0.33
C GLY A 39 -5.09 -6.55 0.87
N TYR A 40 -5.14 -5.67 1.85
CA TYR A 40 -6.41 -5.22 2.39
C TYR A 40 -6.27 -3.86 3.08
N CYS A 41 -7.41 -3.25 3.37
CA CYS A 41 -7.42 -1.98 4.06
C CYS A 41 -7.24 -2.25 5.56
N TYR A 42 -6.02 -2.05 6.02
CA TYR A 42 -5.75 -2.06 7.45
C TYR A 42 -6.08 -0.71 8.08
N ALA A 43 -5.46 -0.45 9.23
CA ALA A 43 -5.49 0.87 9.82
C ALA A 43 -5.03 1.89 8.77
N PHE A 44 -5.97 2.30 7.94
CA PHE A 44 -5.78 3.48 7.09
C PHE A 44 -4.44 3.39 6.35
N ALA A 45 -4.26 2.28 5.66
CA ALA A 45 -3.96 2.31 4.24
C ALA A 45 -3.91 0.88 3.69
N CYS A 46 -3.75 0.78 2.37
CA CYS A 46 -3.77 -0.51 1.71
C CYS A 46 -2.51 -1.28 2.14
N TRP A 47 -2.72 -2.21 3.05
CA TRP A 47 -1.64 -3.09 3.48
C TRP A 47 -1.56 -4.26 2.50
N CYS A 48 -0.44 -4.34 1.81
CA CYS A 48 -0.25 -5.38 0.82
C CYS A 48 0.73 -6.41 1.40
N THR A 49 0.46 -7.68 1.09
CA THR A 49 0.94 -8.76 1.91
C THR A 49 1.21 -10.01 1.06
N HIS A 50 1.92 -9.79 -0.04
CA HIS A 50 2.62 -10.87 -0.71
C HIS A 50 3.59 -10.29 -1.74
N LEU A 51 4.53 -9.50 -1.24
CA LEU A 51 5.31 -8.63 -2.10
C LEU A 51 6.71 -9.21 -2.28
N TYR A 52 7.53 -8.49 -3.04
CA TYR A 52 8.89 -8.89 -3.27
C TYR A 52 9.88 -7.99 -2.50
N GLU A 53 11.15 -8.25 -2.71
CA GLU A 53 12.19 -7.51 -2.01
C GLU A 53 12.07 -6.01 -2.32
N GLN A 54 11.51 -5.73 -3.49
CA GLN A 54 11.30 -4.34 -3.89
C GLN A 54 9.93 -3.85 -3.44
N ALA A 55 9.46 -4.41 -2.34
CA ALA A 55 8.39 -3.80 -1.58
C ALA A 55 8.91 -2.52 -0.92
N ILE A 56 8.35 -1.40 -1.36
CA ILE A 56 8.51 -0.15 -0.64
C ILE A 56 7.18 0.22 0.03
N VAL A 57 7.28 0.67 1.26
CA VAL A 57 6.12 0.81 2.11
C VAL A 57 6.14 2.17 2.80
N TRP A 58 4.95 2.73 2.99
CA TRP A 58 4.83 4.08 3.49
C TRP A 58 5.51 4.15 4.86
N PRO A 59 5.94 5.38 5.23
CA PRO A 59 6.20 6.42 4.25
C PRO A 59 7.52 6.15 3.51
N LEU A 60 8.00 7.19 2.83
CA LEU A 60 9.43 7.30 2.56
C LEU A 60 10.11 7.97 3.74
N PRO A 61 11.42 7.63 3.92
CA PRO A 61 12.10 7.88 5.17
C PRO A 61 12.45 9.37 5.31
N ASN A 62 12.97 9.92 4.23
CA ASN A 62 13.54 11.27 4.29
C ASN A 62 12.49 12.28 3.79
N LYS A 63 11.31 11.76 3.51
CA LYS A 63 10.23 12.61 3.02
C LYS A 63 8.89 11.88 3.24
N ARG A 64 8.09 12.46 4.12
CA ARG A 64 6.78 11.90 4.41
C ARG A 64 5.70 12.96 4.24
N CYS A 65 4.55 12.51 3.76
CA CYS A 65 3.45 13.42 3.48
C CYS A 65 2.70 13.70 4.78
N SER A 66 2.17 14.91 4.87
CA SER A 66 1.39 15.30 6.03
C SER A 66 0.09 14.50 6.08
N NH2 A 67 -0.62 14.51 4.96
HN1 NH2 A 67 -0.30 15.04 4.18
HN2 NH2 A 67 -1.46 13.98 4.90
N LYS A 1 7.70 -9.12 1.81
CA LYS A 1 8.07 -7.82 2.33
C LYS A 1 6.82 -7.02 2.69
N GLU A 2 6.03 -7.60 3.59
CA GLU A 2 4.64 -7.19 3.74
C GLU A 2 4.54 -5.97 4.64
N GLY A 3 3.82 -4.96 4.16
CA GLY A 3 3.69 -3.72 4.88
C GLY A 3 2.59 -2.84 4.26
N TYR A 4 2.48 -1.63 4.80
CA TYR A 4 1.70 -0.60 4.14
C TYR A 4 2.47 0.00 2.96
N LEU A 5 2.04 -0.38 1.76
CA LEU A 5 2.64 0.15 0.55
C LEU A 5 2.74 1.67 0.66
N VAL A 6 3.84 2.20 0.14
CA VAL A 6 4.04 3.64 0.10
C VAL A 6 3.95 4.11 -1.35
N ASP A 7 3.59 5.38 -1.50
CA ASP A 7 3.55 6.00 -2.82
C ASP A 7 4.91 6.61 -3.14
N LYS A 8 5.19 6.71 -4.43
CA LYS A 8 6.46 7.24 -4.88
C LYS A 8 6.35 8.76 -5.05
N ASN A 9 5.13 9.20 -5.30
CA ASN A 9 4.90 10.57 -5.73
C ASN A 9 4.63 11.45 -4.50
N THR A 10 3.47 11.23 -3.91
CA THR A 10 3.05 12.03 -2.76
C THR A 10 3.55 11.39 -1.47
N GLY A 11 3.99 10.15 -1.58
CA GLY A 11 4.32 9.35 -0.40
C GLY A 11 3.05 8.71 0.19
N CYS A 12 1.91 9.17 -0.30
CA CYS A 12 0.67 9.01 0.44
C CYS A 12 -0.11 7.85 -0.17
N LYS A 13 -0.85 8.16 -1.23
CA LYS A 13 -1.79 7.21 -1.79
C LYS A 13 -2.80 6.80 -0.72
N TYR A 14 -2.46 5.76 0.01
CA TYR A 14 -3.47 4.86 0.55
C TYR A 14 -4.83 5.55 0.63
N GLU A 15 -4.92 6.49 1.56
CA GLU A 15 -6.20 7.11 1.88
C GLU A 15 -7.35 6.13 1.61
N CYS A 16 -7.38 5.07 2.42
CA CYS A 16 -8.55 4.22 2.48
C CYS A 16 -9.56 4.86 3.44
N LEU A 17 -10.80 4.91 2.99
CA LEU A 17 -11.79 5.75 3.63
C LEU A 17 -12.18 5.16 4.98
N LYS A 18 -11.98 3.85 5.09
CA LYS A 18 -12.25 3.14 6.33
C LYS A 18 -11.29 1.96 6.47
N LEU A 19 -11.58 1.13 7.45
CA LEU A 19 -10.95 -0.19 7.52
C LEU A 19 -11.98 -1.25 7.12
N GLY A 20 -11.48 -2.32 6.50
CA GLY A 20 -12.32 -3.45 6.18
C GLY A 20 -12.37 -3.69 4.67
N ASP A 21 -12.62 -2.61 3.95
CA ASP A 21 -12.92 -2.72 2.53
C ASP A 21 -11.63 -3.05 1.76
N ASN A 22 -11.43 -4.34 1.55
CA ASN A 22 -10.15 -4.82 1.05
C ASN A 22 -10.23 -4.95 -0.47
N ASP A 23 -10.91 -3.99 -1.09
CA ASP A 23 -11.21 -4.08 -2.50
C ASP A 23 -10.31 -3.13 -3.28
N TYR A 24 -10.26 -1.90 -2.82
CA TYR A 24 -9.40 -0.89 -3.44
C TYR A 24 -7.94 -1.14 -3.10
N CYS A 25 -7.72 -1.72 -1.92
CA CYS A 25 -6.38 -2.11 -1.52
C CYS A 25 -5.84 -3.11 -2.55
N LEU A 26 -6.61 -4.16 -2.77
CA LEU A 26 -6.23 -5.17 -3.74
C LEU A 26 -5.94 -4.50 -5.08
N ARG A 27 -6.93 -3.77 -5.57
CA ARG A 27 -6.85 -3.20 -6.91
C ARG A 27 -5.60 -2.34 -7.05
N GLU A 28 -5.39 -1.49 -6.05
CA GLU A 28 -4.23 -0.61 -6.05
C GLU A 28 -2.95 -1.42 -6.24
N CYS A 29 -2.71 -2.32 -5.28
CA CYS A 29 -1.45 -3.04 -5.23
C CYS A 29 -1.32 -3.88 -6.50
N LYS A 30 -2.46 -4.25 -7.03
CA LYS A 30 -2.50 -5.01 -8.28
C LYS A 30 -1.99 -4.11 -9.42
N GLN A 31 -2.52 -2.90 -9.46
CA GLN A 31 -2.16 -1.97 -10.52
C GLN A 31 -0.98 -1.10 -10.09
N GLN A 32 0.03 -1.76 -9.54
CA GLN A 32 1.37 -1.19 -9.52
C GLN A 32 2.39 -2.26 -9.12
N TYR A 33 1.99 -3.09 -8.15
CA TYR A 33 2.85 -4.14 -7.67
C TYR A 33 2.23 -5.52 -7.91
N GLY A 34 1.23 -5.53 -8.79
CA GLY A 34 0.58 -6.77 -9.15
C GLY A 34 1.50 -7.65 -10.00
N LYS A 35 2.42 -8.33 -9.32
CA LYS A 35 3.01 -9.54 -9.85
C LYS A 35 2.42 -10.75 -9.13
N GLY A 36 1.65 -10.46 -8.09
CA GLY A 36 0.99 -11.51 -7.33
C GLY A 36 0.59 -11.00 -5.94
N ALA A 37 0.03 -9.80 -5.92
CA ALA A 37 -0.09 -9.05 -4.68
C ALA A 37 -1.54 -9.08 -4.21
N GLY A 38 -1.72 -9.40 -2.94
CA GLY A 38 -2.97 -9.13 -2.26
C GLY A 38 -2.78 -8.12 -1.14
N GLY A 39 -3.88 -7.81 -0.46
CA GLY A 39 -3.87 -6.79 0.57
C GLY A 39 -5.27 -6.56 1.14
N TYR A 40 -5.34 -5.72 2.15
CA TYR A 40 -6.63 -5.29 2.68
C TYR A 40 -6.51 -3.92 3.36
N CYS A 41 -7.67 -3.35 3.66
CA CYS A 41 -7.70 -2.03 4.27
C CYS A 41 -7.70 -2.20 5.78
N TYR A 42 -6.55 -1.89 6.38
CA TYR A 42 -6.49 -1.68 7.81
C TYR A 42 -6.92 -0.27 8.19
N ALA A 43 -6.56 0.14 9.39
CA ALA A 43 -6.91 1.47 9.88
C ALA A 43 -6.48 2.52 8.84
N PHE A 44 -7.38 2.77 7.90
CA PHE A 44 -7.23 3.90 7.01
C PHE A 44 -5.87 3.86 6.29
N ALA A 45 -5.45 2.63 5.98
CA ALA A 45 -4.35 2.43 5.05
C ALA A 45 -4.32 0.97 4.61
N CYS A 46 -3.54 0.71 3.57
CA CYS A 46 -3.66 -0.53 2.83
C CYS A 46 -2.43 -1.38 3.10
N TRP A 47 -2.63 -2.42 3.90
CA TRP A 47 -1.58 -3.41 4.12
C TRP A 47 -1.64 -4.43 2.99
N CYS A 48 -0.53 -4.53 2.26
CA CYS A 48 -0.45 -5.48 1.17
C CYS A 48 0.55 -6.56 1.56
N THR A 49 0.25 -7.78 1.13
CA THR A 49 0.80 -8.96 1.76
C THR A 49 1.07 -10.06 0.73
N HIS A 50 1.80 -9.69 -0.31
CA HIS A 50 2.67 -10.63 -0.99
C HIS A 50 3.72 -9.86 -1.80
N LEU A 51 4.65 -9.25 -1.09
CA LEU A 51 5.47 -8.19 -1.66
C LEU A 51 6.92 -8.67 -1.74
N TYR A 52 7.67 -8.03 -2.62
CA TYR A 52 9.09 -8.29 -2.72
C TYR A 52 9.90 -7.10 -2.19
N GLU A 53 11.22 -7.29 -2.16
CA GLU A 53 12.11 -6.25 -1.65
C GLU A 53 11.80 -4.93 -2.33
N GLN A 54 11.51 -5.00 -3.63
CA GLN A 54 11.48 -3.82 -4.46
C GLN A 54 10.10 -3.14 -4.35
N ALA A 55 9.23 -3.77 -3.58
CA ALA A 55 7.94 -3.17 -3.26
C ALA A 55 8.02 -2.49 -1.89
N ILE A 56 7.87 -1.18 -1.91
CA ILE A 56 8.33 -0.35 -0.81
C ILE A 56 7.15 -0.03 0.12
N VAL A 57 7.48 0.15 1.39
CA VAL A 57 6.45 0.33 2.40
C VAL A 57 6.78 1.56 3.24
N TRP A 58 5.74 2.16 3.80
CA TRP A 58 5.88 3.44 4.47
C TRP A 58 7.01 3.32 5.49
N PRO A 59 7.57 4.49 5.90
CA PRO A 59 7.59 5.65 5.01
C PRO A 59 8.66 5.47 3.92
N LEU A 60 8.91 6.56 3.21
CA LEU A 60 10.21 6.77 2.60
C LEU A 60 10.98 7.82 3.41
N PRO A 61 12.32 7.85 3.18
CA PRO A 61 13.22 8.53 4.10
C PRO A 61 13.13 10.05 3.91
N ASN A 62 13.33 10.48 2.68
CA ASN A 62 13.57 11.88 2.41
C ASN A 62 12.24 12.56 2.08
N LYS A 63 11.18 11.77 2.14
CA LYS A 63 9.84 12.29 1.89
C LYS A 63 8.81 11.29 2.40
N ARG A 64 7.96 11.75 3.31
CA ARG A 64 6.93 10.91 3.88
C ARG A 64 5.56 11.61 3.78
N CYS A 65 4.53 10.80 3.69
CA CYS A 65 3.17 11.30 3.85
C CYS A 65 3.07 12.01 5.20
N SER A 66 2.30 13.09 5.20
CA SER A 66 2.10 13.86 6.42
C SER A 66 1.27 13.05 7.42
N NH2 A 67 0.26 12.38 6.90
HN1 NH2 A 67 0.07 12.44 5.91
HN2 NH2 A 67 -0.33 11.81 7.48
N LYS A 1 8.02 -5.60 0.65
CA LYS A 1 7.71 -6.62 1.64
C LYS A 1 6.48 -6.18 2.44
N GLU A 2 6.08 -7.04 3.36
CA GLU A 2 4.70 -7.07 3.81
C GLU A 2 4.45 -5.97 4.84
N GLY A 3 3.63 -5.01 4.44
CA GLY A 3 3.48 -3.78 5.21
C GLY A 3 2.59 -2.78 4.48
N TYR A 4 2.45 -1.61 5.08
CA TYR A 4 1.60 -0.57 4.53
C TYR A 4 2.25 0.07 3.30
N LEU A 5 1.88 -0.44 2.13
CA LEU A 5 2.43 0.07 0.89
C LEU A 5 2.40 1.60 0.89
N VAL A 6 3.46 2.19 0.39
CA VAL A 6 3.59 3.63 0.38
C VAL A 6 3.42 4.15 -1.06
N ASP A 7 2.86 5.35 -1.16
CA ASP A 7 2.40 5.85 -2.44
C ASP A 7 3.58 6.48 -3.19
N LYS A 8 3.69 6.12 -4.46
CA LYS A 8 4.84 6.53 -5.26
C LYS A 8 4.73 8.02 -5.58
N ASN A 9 3.49 8.50 -5.58
CA ASN A 9 3.24 9.91 -5.81
C ASN A 9 3.59 10.71 -4.56
N THR A 10 2.64 10.74 -3.63
CA THR A 10 2.69 11.71 -2.54
C THR A 10 3.36 11.10 -1.32
N GLY A 11 3.55 9.78 -1.37
CA GLY A 11 3.97 9.04 -0.20
C GLY A 11 2.79 8.74 0.72
N CYS A 12 1.62 9.21 0.31
CA CYS A 12 0.42 9.07 1.12
C CYS A 12 -0.44 7.97 0.49
N LYS A 13 -1.21 8.37 -0.52
CA LYS A 13 -2.44 7.67 -0.86
C LYS A 13 -2.88 6.84 0.35
N TYR A 14 -2.60 5.55 0.28
CA TYR A 14 -3.62 4.55 0.56
C TYR A 14 -5.02 5.12 0.39
N GLU A 15 -5.41 5.94 1.36
CA GLU A 15 -6.80 6.35 1.48
C GLU A 15 -7.72 5.16 1.25
N CYS A 16 -7.98 4.43 2.31
CA CYS A 16 -9.21 3.66 2.43
C CYS A 16 -9.81 3.90 3.81
N LEU A 17 -10.52 5.01 3.92
CA LEU A 17 -11.32 5.27 5.11
C LEU A 17 -12.22 4.07 5.38
N LYS A 18 -12.48 3.84 6.66
CA LYS A 18 -13.23 2.66 7.08
C LYS A 18 -12.45 1.41 6.68
N LEU A 19 -11.70 0.89 7.65
CA LEU A 19 -11.01 -0.38 7.47
C LEU A 19 -12.01 -1.45 7.02
N GLY A 20 -11.48 -2.51 6.44
CA GLY A 20 -12.31 -3.61 6.00
C GLY A 20 -12.35 -3.69 4.47
N ASP A 21 -12.47 -2.52 3.85
CA ASP A 21 -12.80 -2.45 2.44
C ASP A 21 -11.52 -2.38 1.62
N ASN A 22 -11.19 -3.50 0.99
CA ASN A 22 -10.08 -3.54 0.05
C ASN A 22 -10.52 -4.24 -1.23
N ASP A 23 -11.00 -3.42 -2.18
CA ASP A 23 -10.86 -3.76 -3.58
C ASP A 23 -9.78 -2.88 -4.21
N TYR A 24 -9.93 -1.57 -3.99
CA TYR A 24 -9.07 -0.61 -4.66
C TYR A 24 -7.63 -0.70 -4.15
N CYS A 25 -7.49 -1.21 -2.95
CA CYS A 25 -6.19 -1.35 -2.33
C CYS A 25 -5.52 -2.60 -2.90
N LEU A 26 -6.32 -3.65 -3.03
CA LEU A 26 -5.91 -4.82 -3.78
C LEU A 26 -5.42 -4.39 -5.16
N ARG A 27 -6.20 -3.53 -5.79
CA ARG A 27 -5.87 -3.07 -7.13
C ARG A 27 -4.60 -2.22 -7.10
N GLU A 28 -4.52 -1.37 -6.08
CA GLU A 28 -3.37 -0.49 -5.94
C GLU A 28 -2.08 -1.30 -5.88
N CYS A 29 -2.05 -2.23 -4.93
CA CYS A 29 -0.88 -3.08 -4.77
C CYS A 29 -0.55 -3.74 -6.11
N LYS A 30 -1.62 -4.13 -6.80
CA LYS A 30 -1.46 -4.86 -8.05
C LYS A 30 -0.79 -3.96 -9.08
N GLN A 31 -1.30 -2.75 -9.19
CA GLN A 31 -0.84 -1.82 -10.21
C GLN A 31 0.01 -0.72 -9.58
N GLN A 32 0.91 -1.13 -8.70
CA GLN A 32 1.94 -0.25 -8.20
C GLN A 32 3.04 -1.04 -7.51
N TYR A 33 2.67 -2.22 -7.04
CA TYR A 33 3.64 -3.29 -6.83
C TYR A 33 3.16 -4.59 -7.50
N GLY A 34 3.12 -4.55 -8.82
CA GLY A 34 3.32 -5.76 -9.61
C GLY A 34 2.02 -6.56 -9.72
N LYS A 35 1.76 -7.05 -10.93
CA LYS A 35 0.51 -7.74 -11.20
C LYS A 35 0.60 -9.17 -10.64
N GLY A 36 0.63 -9.24 -9.31
CA GLY A 36 0.26 -10.46 -8.63
C GLY A 36 0.27 -10.26 -7.12
N ALA A 37 -0.12 -9.07 -6.70
CA ALA A 37 0.03 -8.66 -5.31
C ALA A 37 -1.35 -8.66 -4.64
N GLY A 38 -1.34 -8.32 -3.36
CA GLY A 38 -2.57 -8.29 -2.59
C GLY A 38 -2.35 -7.63 -1.23
N GLY A 39 -3.43 -7.54 -0.46
CA GLY A 39 -3.44 -6.71 0.72
C GLY A 39 -4.85 -6.65 1.34
N TYR A 40 -4.99 -5.79 2.33
CA TYR A 40 -6.31 -5.41 2.81
C TYR A 40 -6.26 -4.06 3.54
N CYS A 41 -7.44 -3.52 3.78
CA CYS A 41 -7.54 -2.20 4.39
C CYS A 41 -7.58 -2.38 5.91
N TYR A 42 -6.45 -2.07 6.54
CA TYR A 42 -6.44 -1.88 7.98
C TYR A 42 -6.90 -0.48 8.38
N ALA A 43 -6.57 -0.09 9.60
CA ALA A 43 -7.01 1.18 10.12
C ALA A 43 -6.62 2.30 9.14
N PHE A 44 -7.50 2.54 8.19
CA PHE A 44 -7.40 3.72 7.35
C PHE A 44 -6.08 3.72 6.56
N ALA A 45 -5.57 2.52 6.34
CA ALA A 45 -4.49 2.34 5.38
C ALA A 45 -4.16 0.85 5.26
N CYS A 46 -3.56 0.49 4.14
CA CYS A 46 -3.76 -0.82 3.57
C CYS A 46 -2.45 -1.60 3.68
N TRP A 47 -2.51 -2.69 4.43
CA TRP A 47 -1.36 -3.57 4.57
C TRP A 47 -1.33 -4.52 3.38
N CYS A 48 -0.24 -4.46 2.62
CA CYS A 48 -0.04 -5.36 1.50
C CYS A 48 0.71 -6.59 2.01
N THR A 49 0.42 -7.72 1.39
CA THR A 49 0.88 -9.00 1.90
C THR A 49 0.97 -10.03 0.78
N HIS A 50 1.50 -9.58 -0.35
CA HIS A 50 2.02 -10.50 -1.35
C HIS A 50 3.13 -9.82 -2.15
N LEU A 51 4.23 -9.57 -1.46
CA LEU A 51 5.22 -8.62 -1.95
C LEU A 51 6.58 -9.31 -2.02
N TYR A 52 7.55 -8.60 -2.60
CA TYR A 52 8.94 -9.01 -2.52
C TYR A 52 9.73 -8.11 -1.58
N GLU A 53 10.98 -8.49 -1.35
CA GLU A 53 11.80 -7.82 -0.36
C GLU A 53 11.94 -6.34 -0.70
N GLN A 54 11.76 -6.04 -1.99
CA GLN A 54 11.93 -4.68 -2.47
C GLN A 54 10.59 -4.12 -2.94
N ALA A 55 9.57 -4.35 -2.13
CA ALA A 55 8.39 -3.50 -2.14
C ALA A 55 8.37 -2.63 -0.89
N ILE A 56 8.61 -1.34 -1.10
CA ILE A 56 8.86 -0.43 0.01
C ILE A 56 7.55 -0.11 0.71
N VAL A 57 7.64 0.01 2.03
CA VAL A 57 6.45 0.25 2.85
C VAL A 57 6.66 1.52 3.68
N TRP A 58 5.55 2.16 4.00
CA TRP A 58 5.60 3.49 4.58
C TRP A 58 6.58 3.46 5.74
N PRO A 59 7.20 4.64 6.00
CA PRO A 59 7.17 5.73 5.04
C PRO A 59 8.12 5.45 3.87
N LEU A 60 8.14 6.39 2.92
CA LEU A 60 9.28 6.52 2.04
C LEU A 60 10.50 7.00 2.83
N PRO A 61 11.67 6.96 2.16
CA PRO A 61 12.77 7.84 2.52
C PRO A 61 12.51 9.27 2.06
N ASN A 62 12.51 9.45 0.76
CA ASN A 62 13.10 10.64 0.16
C ASN A 62 11.98 11.63 -0.17
N LYS A 63 10.76 11.24 0.18
CA LYS A 63 9.62 12.14 0.06
C LYS A 63 8.37 11.46 0.64
N ARG A 64 8.41 11.26 1.94
CA ARG A 64 7.28 10.66 2.64
C ARG A 64 6.18 11.71 2.84
N CYS A 65 4.96 11.22 3.01
CA CYS A 65 3.83 12.08 3.28
C CYS A 65 4.08 12.78 4.62
N SER A 66 3.88 14.09 4.61
CA SER A 66 4.08 14.88 5.82
C SER A 66 3.09 14.43 6.91
N NH2 A 67 1.83 14.79 6.70
HN1 NH2 A 67 1.59 15.32 5.88
HN2 NH2 A 67 1.13 14.54 7.36
N LYS A 1 7.38 -9.75 1.40
CA LYS A 1 7.84 -8.55 2.07
C LYS A 1 6.77 -7.46 1.94
N GLU A 2 6.57 -6.74 3.02
CA GLU A 2 5.29 -6.07 3.25
C GLU A 2 5.47 -4.89 4.21
N GLY A 3 4.36 -4.28 4.56
CA GLY A 3 4.32 -3.38 5.69
C GLY A 3 3.18 -2.36 5.57
N TYR A 4 2.99 -1.89 4.34
CA TYR A 4 2.12 -0.74 4.11
C TYR A 4 2.39 -0.12 2.74
N LEU A 5 1.57 -0.51 1.78
CA LEU A 5 1.66 0.05 0.44
C LEU A 5 1.62 1.57 0.53
N VAL A 6 2.38 2.21 -0.34
CA VAL A 6 2.67 3.62 -0.21
C VAL A 6 2.20 4.38 -1.46
N ASP A 7 1.81 5.62 -1.25
CA ASP A 7 1.55 6.52 -2.37
C ASP A 7 2.88 6.89 -3.02
N LYS A 8 3.00 6.54 -4.29
CA LYS A 8 4.30 6.44 -4.93
C LYS A 8 4.81 7.84 -5.28
N ASN A 9 3.93 8.81 -5.10
CA ASN A 9 4.28 10.20 -5.37
C ASN A 9 4.75 10.87 -4.08
N THR A 10 3.78 11.20 -3.24
CA THR A 10 4.03 12.05 -2.10
C THR A 10 4.42 11.20 -0.89
N GLY A 11 4.09 9.92 -0.98
CA GLY A 11 4.21 9.04 0.18
C GLY A 11 3.31 9.52 1.33
N CYS A 12 2.14 10.00 0.96
CA CYS A 12 1.21 10.54 1.93
C CYS A 12 0.14 9.48 2.22
N LYS A 13 -0.83 9.88 3.04
CA LYS A 13 -1.96 9.01 3.34
C LYS A 13 -2.65 8.62 2.03
N TYR A 14 -3.32 7.48 2.07
CA TYR A 14 -4.17 7.07 0.96
C TYR A 14 -5.58 6.76 1.44
N GLU A 15 -5.64 6.04 2.57
CA GLU A 15 -6.83 6.09 3.41
C GLU A 15 -8.02 5.46 2.68
N CYS A 16 -8.13 4.14 2.80
CA CYS A 16 -9.16 3.41 2.09
C CYS A 16 -10.50 3.68 2.78
N LEU A 17 -10.42 4.01 4.06
CA LEU A 17 -11.60 4.14 4.87
C LEU A 17 -12.32 2.78 4.96
N LYS A 18 -13.17 2.66 5.96
CA LYS A 18 -14.04 1.50 6.06
C LYS A 18 -13.20 0.22 6.05
N LEU A 19 -12.55 -0.02 7.17
CA LEU A 19 -11.63 -1.14 7.27
C LEU A 19 -12.37 -2.44 6.94
N GLY A 20 -11.66 -3.33 6.27
CA GLY A 20 -12.27 -4.57 5.79
C GLY A 20 -12.35 -4.58 4.27
N ASP A 21 -12.80 -3.47 3.72
CA ASP A 21 -13.15 -3.41 2.31
C ASP A 21 -11.87 -3.46 1.47
N ASN A 22 -11.44 -4.67 1.15
CA ASN A 22 -10.18 -4.87 0.46
C ASN A 22 -10.43 -4.85 -1.05
N ASP A 23 -10.95 -3.72 -1.52
CA ASP A 23 -11.19 -3.54 -2.94
C ASP A 23 -10.13 -2.60 -3.51
N TYR A 24 -10.20 -1.35 -3.10
CA TYR A 24 -9.38 -0.31 -3.68
C TYR A 24 -7.90 -0.51 -3.32
N CYS A 25 -7.70 -1.15 -2.17
CA CYS A 25 -6.35 -1.52 -1.75
C CYS A 25 -5.82 -2.58 -2.72
N LEU A 26 -6.69 -3.52 -3.05
CA LEU A 26 -6.33 -4.58 -3.97
C LEU A 26 -6.05 -3.99 -5.35
N ARG A 27 -6.91 -3.05 -5.74
CA ARG A 27 -6.79 -2.43 -7.04
C ARG A 27 -5.43 -1.73 -7.18
N GLU A 28 -5.09 -0.97 -6.15
CA GLU A 28 -3.80 -0.30 -6.11
C GLU A 28 -2.66 -1.33 -6.14
N CYS A 29 -2.72 -2.26 -5.21
CA CYS A 29 -1.68 -3.27 -5.08
C CYS A 29 -1.50 -3.94 -6.45
N LYS A 30 -2.62 -4.10 -7.15
CA LYS A 30 -2.60 -4.75 -8.45
C LYS A 30 -1.74 -3.94 -9.41
N GLN A 31 -2.13 -2.69 -9.61
CA GLN A 31 -1.54 -1.88 -10.66
C GLN A 31 -0.36 -1.07 -10.10
N GLN A 32 0.47 -1.75 -9.33
CA GLN A 32 1.88 -1.42 -9.26
C GLN A 32 2.68 -2.62 -8.74
N TYR A 33 2.13 -3.27 -7.73
CA TYR A 33 2.83 -4.34 -7.05
C TYR A 33 2.33 -5.71 -7.52
N GLY A 34 1.30 -5.67 -8.35
CA GLY A 34 0.58 -6.88 -8.69
C GLY A 34 1.41 -7.77 -9.64
N LYS A 35 2.35 -8.48 -9.05
CA LYS A 35 2.90 -9.67 -9.68
C LYS A 35 2.38 -10.91 -8.95
N GLY A 36 1.08 -10.94 -8.76
CA GLY A 36 0.47 -11.97 -7.93
C GLY A 36 0.41 -11.54 -6.46
N ALA A 37 0.66 -10.26 -6.25
CA ALA A 37 0.66 -9.70 -4.91
C ALA A 37 -0.78 -9.47 -4.45
N GLY A 38 -0.91 -9.03 -3.21
CA GLY A 38 -2.22 -8.83 -2.61
C GLY A 38 -2.16 -7.81 -1.48
N GLY A 39 -3.33 -7.42 -1.00
CA GLY A 39 -3.42 -6.34 -0.03
C GLY A 39 -4.89 -6.04 0.31
N TYR A 40 -5.08 -5.39 1.44
CA TYR A 40 -6.41 -5.19 1.98
C TYR A 40 -6.49 -3.88 2.78
N CYS A 41 -7.68 -3.62 3.30
CA CYS A 41 -7.93 -2.35 3.97
C CYS A 41 -7.92 -2.60 5.48
N TYR A 42 -6.85 -2.12 6.10
CA TYR A 42 -6.78 -2.11 7.56
C TYR A 42 -7.52 -0.90 8.13
N ALA A 43 -7.20 -0.59 9.38
CA ALA A 43 -7.74 0.61 10.01
C ALA A 43 -7.43 1.82 9.13
N PHE A 44 -8.32 2.05 8.18
CA PHE A 44 -8.26 3.27 7.39
C PHE A 44 -6.89 3.44 6.73
N ALA A 45 -6.34 2.31 6.29
CA ALA A 45 -5.09 2.33 5.56
C ALA A 45 -4.87 0.97 4.89
N CYS A 46 -4.15 1.00 3.77
CA CYS A 46 -3.93 -0.21 3.01
C CYS A 46 -2.69 -0.92 3.55
N TRP A 47 -2.74 -2.25 3.53
CA TRP A 47 -1.56 -3.04 3.77
C TRP A 47 -1.44 -4.06 2.63
N CYS A 48 -0.26 -4.07 2.01
CA CYS A 48 0.02 -5.02 0.95
C CYS A 48 0.97 -6.09 1.50
N THR A 49 0.65 -7.33 1.19
CA THR A 49 1.07 -8.45 2.04
C THR A 49 1.69 -9.55 1.19
N HIS A 50 2.32 -9.13 0.10
CA HIS A 50 2.96 -10.07 -0.80
C HIS A 50 3.71 -9.31 -1.89
N LEU A 51 4.40 -8.25 -1.47
CA LEU A 51 5.40 -7.64 -2.30
C LEU A 51 6.72 -8.41 -2.17
N TYR A 52 7.70 -7.98 -2.95
CA TYR A 52 8.94 -8.74 -3.08
C TYR A 52 10.09 -8.03 -2.36
N GLU A 53 11.29 -8.48 -2.66
CA GLU A 53 12.49 -7.84 -2.13
C GLU A 53 12.36 -6.32 -2.23
N GLN A 54 11.63 -5.88 -3.24
CA GLN A 54 11.46 -4.46 -3.47
C GLN A 54 10.10 -4.00 -2.95
N ALA A 55 9.72 -4.55 -1.81
CA ALA A 55 8.64 -3.99 -1.02
C ALA A 55 9.07 -2.62 -0.48
N ILE A 56 8.58 -1.58 -1.13
CA ILE A 56 8.64 -0.25 -0.57
C ILE A 56 7.38 0.00 0.29
N VAL A 57 7.62 0.21 1.58
CA VAL A 57 6.52 0.37 2.51
C VAL A 57 6.58 1.77 3.13
N TRP A 58 5.39 2.30 3.41
CA TRP A 58 5.26 3.71 3.72
C TRP A 58 6.13 4.00 4.94
N PRO A 59 6.59 5.28 5.03
CA PRO A 59 6.54 6.17 3.88
C PRO A 59 7.63 5.81 2.86
N LEU A 60 7.89 6.76 1.98
CA LEU A 60 9.19 6.81 1.31
C LEU A 60 10.24 7.35 2.29
N PRO A 61 11.48 6.85 2.13
CA PRO A 61 12.44 6.86 3.22
C PRO A 61 13.00 8.27 3.45
N ASN A 62 13.61 8.81 2.40
CA ASN A 62 14.32 10.07 2.52
C ASN A 62 13.57 11.14 1.75
N LYS A 63 12.28 10.92 1.57
CA LYS A 63 11.37 11.97 1.12
C LYS A 63 9.96 11.62 1.55
N ARG A 64 9.78 11.47 2.85
CA ARG A 64 8.46 11.28 3.42
C ARG A 64 7.59 12.52 3.20
N CYS A 65 6.28 12.33 3.30
CA CYS A 65 5.34 13.38 2.97
C CYS A 65 5.50 14.50 4.00
N SER A 66 5.28 15.73 3.53
CA SER A 66 5.35 16.88 4.42
C SER A 66 4.32 16.73 5.54
N NH2 A 67 3.06 16.81 5.16
HN1 NH2 A 67 2.84 16.98 4.21
HN2 NH2 A 67 2.33 16.69 5.84
N LYS A 1 8.56 -8.96 4.34
CA LYS A 1 8.89 -7.84 3.47
C LYS A 1 7.59 -7.18 3.00
N GLU A 2 6.74 -6.85 3.96
CA GLU A 2 5.45 -6.27 3.64
C GLU A 2 5.36 -4.84 4.19
N GLY A 3 4.17 -4.26 4.07
CA GLY A 3 3.80 -3.15 4.91
C GLY A 3 2.76 -2.26 4.22
N TYR A 4 2.55 -1.09 4.80
CA TYR A 4 1.74 -0.07 4.15
C TYR A 4 2.43 0.44 2.88
N LEU A 5 1.94 -0.03 1.74
CA LEU A 5 2.31 0.55 0.47
C LEU A 5 2.26 2.07 0.57
N VAL A 6 3.25 2.70 -0.04
CA VAL A 6 3.38 4.15 0.04
C VAL A 6 3.09 4.77 -1.33
N ASP A 7 2.44 5.93 -1.28
CA ASP A 7 1.98 6.56 -2.51
C ASP A 7 3.17 7.08 -3.31
N LYS A 8 3.14 6.82 -4.60
CA LYS A 8 4.36 6.87 -5.40
C LYS A 8 4.50 8.24 -6.03
N ASN A 9 3.61 9.15 -5.61
CA ASN A 9 3.76 10.55 -5.94
C ASN A 9 4.34 11.29 -4.72
N THR A 10 3.50 11.45 -3.72
CA THR A 10 3.83 12.31 -2.60
C THR A 10 4.17 11.48 -1.36
N GLY A 11 3.76 10.21 -1.41
CA GLY A 11 3.85 9.36 -0.24
C GLY A 11 2.90 9.83 0.87
N CYS A 12 1.76 10.34 0.44
CA CYS A 12 0.82 10.93 1.38
C CYS A 12 -0.36 9.96 1.54
N LYS A 13 -0.27 9.15 2.57
CA LYS A 13 -1.44 8.45 3.09
C LYS A 13 -1.77 7.27 2.18
N TYR A 14 -2.32 6.23 2.80
CA TYR A 14 -2.78 5.08 2.04
C TYR A 14 -3.88 4.34 2.81
N GLU A 15 -5.03 5.00 2.94
CA GLU A 15 -6.02 4.59 3.91
C GLU A 15 -7.38 4.40 3.23
N CYS A 16 -8.24 3.65 3.90
CA CYS A 16 -9.52 3.28 3.31
C CYS A 16 -10.62 4.04 4.05
N LEU A 17 -11.83 3.95 3.50
CA LEU A 17 -12.98 4.56 4.13
C LEU A 17 -13.43 3.69 5.32
N LYS A 18 -13.60 2.40 5.02
CA LYS A 18 -13.84 1.42 6.08
C LYS A 18 -12.89 0.24 5.90
N LEU A 19 -12.88 -0.63 6.91
CA LEU A 19 -12.11 -1.86 6.82
C LEU A 19 -12.95 -2.92 6.10
N GLY A 20 -12.27 -3.76 5.34
CA GLY A 20 -12.94 -4.78 4.55
C GLY A 20 -13.21 -4.29 3.14
N ASP A 21 -12.94 -3.01 2.92
CA ASP A 21 -13.16 -2.41 1.61
C ASP A 21 -12.00 -2.77 0.70
N ASN A 22 -11.78 -4.06 0.54
CA ASN A 22 -10.48 -4.56 0.13
C ASN A 22 -10.44 -4.65 -1.40
N ASP A 23 -10.90 -3.57 -2.04
CA ASP A 23 -10.85 -3.47 -3.48
C ASP A 23 -9.76 -2.47 -3.88
N TYR A 24 -9.94 -1.24 -3.43
CA TYR A 24 -9.00 -0.17 -3.76
C TYR A 24 -7.60 -0.50 -3.25
N CYS A 25 -7.55 -1.15 -2.09
CA CYS A 25 -6.29 -1.52 -1.49
C CYS A 25 -5.58 -2.51 -2.42
N LEU A 26 -6.31 -3.55 -2.78
CA LEU A 26 -5.78 -4.56 -3.69
C LEU A 26 -5.34 -3.88 -5.00
N ARG A 27 -6.25 -3.07 -5.54
CA ARG A 27 -6.12 -2.62 -6.91
C ARG A 27 -4.90 -1.70 -7.04
N GLU A 28 -4.77 -0.80 -6.07
CA GLU A 28 -3.66 0.14 -6.08
C GLU A 28 -2.33 -0.60 -5.89
N CYS A 29 -2.36 -1.59 -5.01
CA CYS A 29 -1.24 -2.49 -4.85
C CYS A 29 -0.97 -3.17 -6.21
N LYS A 30 -2.06 -3.46 -6.90
CA LYS A 30 -1.98 -4.24 -8.12
C LYS A 30 -1.49 -3.34 -9.27
N GLN A 31 -1.64 -2.05 -9.05
CA GLN A 31 -1.10 -1.08 -10.00
C GLN A 31 0.22 -0.50 -9.48
N GLN A 32 1.06 -1.39 -8.99
CA GLN A 32 2.50 -1.15 -8.98
C GLN A 32 3.24 -2.38 -8.47
N TYR A 33 2.54 -3.18 -7.67
CA TYR A 33 2.92 -4.56 -7.48
C TYR A 33 1.88 -5.50 -8.12
N GLY A 34 1.49 -5.15 -9.34
CA GLY A 34 0.64 -6.03 -10.13
C GLY A 34 1.14 -7.47 -10.09
N LYS A 35 2.45 -7.60 -9.86
CA LYS A 35 3.05 -8.91 -9.72
C LYS A 35 2.66 -9.50 -8.35
N GLY A 36 1.38 -9.80 -8.22
CA GLY A 36 0.93 -10.65 -7.13
C GLY A 36 0.73 -9.84 -5.85
N ALA A 37 -0.27 -8.97 -5.89
CA ALA A 37 -0.72 -8.29 -4.69
C ALA A 37 -2.08 -8.86 -4.27
N GLY A 38 -2.22 -9.05 -2.97
CA GLY A 38 -3.41 -9.70 -2.43
C GLY A 38 -3.96 -8.92 -1.23
N GLY A 39 -3.26 -7.86 -0.88
CA GLY A 39 -3.59 -7.11 0.33
C GLY A 39 -4.97 -6.47 0.23
N TYR A 40 -5.27 -5.65 1.21
CA TYR A 40 -6.66 -5.39 1.57
C TYR A 40 -6.77 -4.22 2.56
N CYS A 41 -8.00 -3.91 2.93
CA CYS A 41 -8.25 -2.81 3.83
C CYS A 41 -8.39 -3.36 5.25
N TYR A 42 -7.36 -3.10 6.05
CA TYR A 42 -7.45 -3.37 7.48
C TYR A 42 -8.15 -2.22 8.21
N ALA A 43 -7.99 -2.21 9.53
CA ALA A 43 -8.58 -1.17 10.35
C ALA A 43 -8.15 0.20 9.81
N PHE A 44 -8.94 0.69 8.87
CA PHE A 44 -8.75 2.05 8.38
C PHE A 44 -7.31 2.28 7.91
N ALA A 45 -6.76 1.26 7.26
CA ALA A 45 -5.54 1.43 6.51
C ALA A 45 -5.40 0.28 5.50
N CYS A 46 -4.82 0.60 4.35
CA CYS A 46 -4.54 -0.40 3.35
C CYS A 46 -3.16 -0.99 3.63
N TRP A 47 -3.10 -2.31 3.66
CA TRP A 47 -1.86 -3.00 3.95
C TRP A 47 -1.64 -4.05 2.86
N CYS A 48 -0.42 -4.07 2.33
CA CYS A 48 -0.07 -5.01 1.28
C CYS A 48 0.77 -6.13 1.88
N THR A 49 0.55 -7.33 1.37
CA THR A 49 0.99 -8.53 2.08
C THR A 49 1.19 -9.68 1.09
N HIS A 50 2.10 -9.46 0.16
CA HIS A 50 2.33 -10.43 -0.90
C HIS A 50 3.52 -9.99 -1.76
N LEU A 51 4.52 -9.44 -1.08
CA LEU A 51 5.48 -8.57 -1.75
C LEU A 51 6.85 -9.24 -1.73
N TYR A 52 7.77 -8.64 -2.48
CA TYR A 52 9.14 -9.11 -2.49
C TYR A 52 10.07 -8.11 -1.78
N GLU A 53 11.36 -8.39 -1.85
CA GLU A 53 12.33 -7.59 -1.13
C GLU A 53 12.25 -6.13 -1.59
N GLN A 54 11.71 -5.94 -2.79
CA GLN A 54 11.49 -4.60 -3.31
C GLN A 54 10.09 -4.12 -2.96
N ALA A 55 9.62 -4.54 -1.79
CA ALA A 55 8.52 -3.86 -1.13
C ALA A 55 8.97 -2.47 -0.71
N ILE A 56 8.18 -1.48 -1.11
CA ILE A 56 8.37 -0.13 -0.62
C ILE A 56 7.16 0.28 0.22
N VAL A 57 7.44 0.63 1.46
CA VAL A 57 6.38 0.82 2.45
C VAL A 57 6.64 2.11 3.22
N TRP A 58 5.55 2.74 3.64
CA TRP A 58 5.61 4.11 4.12
C TRP A 58 6.56 4.15 5.31
N PRO A 59 7.18 5.34 5.51
CA PRO A 59 7.23 6.35 4.46
C PRO A 59 8.24 5.96 3.38
N LEU A 60 8.39 6.85 2.40
CA LEU A 60 9.50 6.76 1.48
C LEU A 60 10.78 7.23 2.17
N PRO A 61 11.92 6.66 1.72
CA PRO A 61 13.10 6.55 2.57
C PRO A 61 13.79 7.91 2.71
N ASN A 62 13.74 8.68 1.62
CA ASN A 62 14.21 10.05 1.67
C ASN A 62 13.38 10.89 0.68
N LYS A 63 12.07 10.75 0.79
CA LYS A 63 11.16 11.67 0.12
C LYS A 63 9.73 11.39 0.57
N ARG A 64 9.52 11.50 1.88
CA ARG A 64 8.18 11.40 2.42
C ARG A 64 7.32 12.57 1.97
N CYS A 65 6.03 12.48 2.27
CA CYS A 65 5.15 13.63 2.15
C CYS A 65 5.60 14.69 3.16
N SER A 66 5.49 15.94 2.74
CA SER A 66 5.98 17.05 3.55
C SER A 66 5.35 16.99 4.95
N NH2 A 67 4.04 17.22 4.98
HN1 NH2 A 67 3.54 17.32 4.13
HN2 NH2 A 67 3.58 17.29 5.86
N LYS A 1 8.86 -7.60 5.10
CA LYS A 1 8.79 -6.79 3.89
C LYS A 1 7.34 -6.72 3.41
N GLU A 2 6.43 -6.75 4.36
CA GLU A 2 5.03 -6.45 4.09
C GLU A 2 4.52 -5.35 5.01
N GLY A 3 3.53 -4.62 4.51
CA GLY A 3 3.05 -3.43 5.22
C GLY A 3 2.15 -2.60 4.31
N TYR A 4 1.89 -1.37 4.74
CA TYR A 4 0.98 -0.50 4.04
C TYR A 4 1.62 0.10 2.79
N LEU A 5 0.94 -0.08 1.66
CA LEU A 5 1.49 0.33 0.39
C LEU A 5 1.67 1.85 0.39
N VAL A 6 2.49 2.32 -0.55
CA VAL A 6 2.94 3.69 -0.53
C VAL A 6 2.88 4.26 -1.96
N ASP A 7 2.54 5.54 -2.04
CA ASP A 7 2.58 6.25 -3.30
C ASP A 7 4.03 6.62 -3.63
N LYS A 8 4.43 6.27 -4.85
CA LYS A 8 5.82 6.46 -5.26
C LYS A 8 6.08 7.95 -5.47
N ASN A 9 5.01 8.69 -5.69
CA ASN A 9 5.11 10.11 -5.95
C ASN A 9 5.29 10.85 -4.62
N THR A 10 4.18 11.06 -3.94
CA THR A 10 4.16 11.95 -2.80
C THR A 10 4.63 11.22 -1.53
N GLY A 11 4.52 9.91 -1.58
CA GLY A 11 4.63 9.10 -0.37
C GLY A 11 3.70 9.62 0.73
N CYS A 12 2.51 10.00 0.32
CA CYS A 12 1.50 10.46 1.25
C CYS A 12 0.63 9.27 1.63
N LYS A 13 -0.01 9.39 2.79
CA LYS A 13 -0.67 8.24 3.41
C LYS A 13 -1.71 7.69 2.45
N TYR A 14 -1.68 6.37 2.29
CA TYR A 14 -2.57 5.71 1.35
C TYR A 14 -3.36 4.60 2.03
N GLU A 15 -4.68 4.69 1.90
CA GLU A 15 -5.57 4.03 2.84
C GLU A 15 -6.92 3.74 2.18
N CYS A 16 -7.75 3.01 2.90
CA CYS A 16 -8.96 2.44 2.32
C CYS A 16 -10.04 3.53 2.33
N LEU A 17 -10.17 4.19 3.47
CA LEU A 17 -11.47 4.61 3.94
C LEU A 17 -12.38 3.39 4.12
N LYS A 18 -12.88 3.23 5.33
CA LYS A 18 -13.67 2.06 5.66
C LYS A 18 -12.78 0.81 5.59
N LEU A 19 -12.37 0.34 6.76
CA LEU A 19 -11.61 -0.88 6.85
C LEU A 19 -12.48 -2.05 6.38
N GLY A 20 -11.82 -3.18 6.17
CA GLY A 20 -12.54 -4.42 5.87
C GLY A 20 -12.48 -4.72 4.36
N ASP A 21 -12.98 -3.78 3.58
CA ASP A 21 -13.28 -4.04 2.19
C ASP A 21 -11.98 -4.13 1.39
N ASN A 22 -11.49 -5.35 1.25
CA ASN A 22 -10.18 -5.57 0.63
C ASN A 22 -10.35 -5.60 -0.89
N ASP A 23 -11.01 -4.57 -1.39
CA ASP A 23 -11.31 -4.51 -2.82
C ASP A 23 -10.40 -3.46 -3.48
N TYR A 24 -10.49 -2.24 -2.97
CA TYR A 24 -9.69 -1.15 -3.50
C TYR A 24 -8.22 -1.29 -3.09
N CYS A 25 -8.01 -1.87 -1.92
CA CYS A 25 -6.67 -2.16 -1.45
C CYS A 25 -6.01 -3.10 -2.46
N LEU A 26 -6.77 -4.11 -2.87
CA LEU A 26 -6.26 -5.09 -3.81
C LEU A 26 -5.91 -4.40 -5.13
N ARG A 27 -6.85 -3.57 -5.60
CA ARG A 27 -6.70 -2.91 -6.87
C ARG A 27 -5.43 -2.06 -6.89
N GLU A 28 -5.30 -1.23 -5.87
CA GLU A 28 -4.22 -0.26 -5.81
C GLU A 28 -2.87 -0.98 -5.65
N CYS A 29 -2.89 -2.00 -4.82
CA CYS A 29 -1.73 -2.86 -4.66
C CYS A 29 -1.36 -3.42 -6.03
N LYS A 30 -2.38 -3.82 -6.77
CA LYS A 30 -2.17 -4.51 -8.04
C LYS A 30 -1.50 -3.56 -9.03
N GLN A 31 -2.15 -2.42 -9.24
CA GLN A 31 -1.69 -1.47 -10.23
C GLN A 31 -0.89 -0.35 -9.57
N GLN A 32 0.04 -0.76 -8.71
CA GLN A 32 1.07 0.15 -8.24
C GLN A 32 2.17 -0.65 -7.52
N TYR A 33 1.78 -1.79 -6.97
CA TYR A 33 2.71 -2.86 -6.73
C TYR A 33 2.28 -4.14 -7.44
N GLY A 34 2.31 -4.09 -8.76
CA GLY A 34 2.65 -5.26 -9.56
C GLY A 34 1.41 -6.07 -9.91
N LYS A 35 1.39 -6.56 -11.14
CA LYS A 35 0.29 -7.37 -11.61
C LYS A 35 0.37 -8.76 -10.97
N GLY A 36 0.21 -8.78 -9.66
CA GLY A 36 0.18 -10.04 -8.93
C GLY A 36 -0.34 -9.84 -7.50
N ALA A 37 0.31 -8.90 -6.80
CA ALA A 37 0.30 -8.93 -5.35
C ALA A 37 -1.09 -8.57 -4.85
N GLY A 38 -1.24 -8.60 -3.52
CA GLY A 38 -2.53 -8.36 -2.91
C GLY A 38 -2.37 -7.96 -1.44
N GLY A 39 -3.51 -7.84 -0.77
CA GLY A 39 -3.60 -6.97 0.39
C GLY A 39 -5.03 -6.96 0.96
N TYR A 40 -5.20 -6.15 1.99
CA TYR A 40 -6.54 -5.92 2.54
C TYR A 40 -6.58 -4.63 3.35
N CYS A 41 -7.80 -4.22 3.71
CA CYS A 41 -8.00 -2.93 4.34
C CYS A 41 -8.02 -3.13 5.85
N TYR A 42 -6.93 -2.74 6.48
CA TYR A 42 -6.89 -2.62 7.93
C TYR A 42 -7.47 -1.27 8.38
N ALA A 43 -7.29 -1.00 9.67
CA ALA A 43 -7.81 0.23 10.24
C ALA A 43 -7.30 1.43 9.43
N PHE A 44 -8.06 1.78 8.41
CA PHE A 44 -7.72 2.93 7.58
C PHE A 44 -6.26 2.86 7.12
N ALA A 45 -5.89 1.68 6.64
CA ALA A 45 -4.66 1.55 5.86
C ALA A 45 -4.69 0.24 5.09
N CYS A 46 -4.12 0.28 3.89
CA CYS A 46 -4.21 -0.84 2.98
C CYS A 46 -2.90 -1.63 3.07
N TRP A 47 -2.98 -2.77 3.75
CA TRP A 47 -1.80 -3.60 3.96
C TRP A 47 -1.67 -4.54 2.77
N CYS A 48 -0.53 -4.46 2.11
CA CYS A 48 -0.17 -5.44 1.10
C CYS A 48 0.60 -6.57 1.78
N THR A 49 0.38 -7.77 1.29
CA THR A 49 0.86 -8.96 1.97
C THR A 49 1.28 -10.03 0.95
N HIS A 50 1.85 -9.56 -0.15
CA HIS A 50 2.50 -10.45 -1.10
C HIS A 50 3.61 -9.69 -1.83
N LEU A 51 4.58 -9.25 -1.04
CA LEU A 51 5.58 -8.31 -1.54
C LEU A 51 6.95 -8.96 -1.56
N TYR A 52 7.88 -8.31 -2.24
CA TYR A 52 9.28 -8.62 -2.07
C TYR A 52 10.00 -7.50 -1.31
N GLU A 53 11.30 -7.70 -1.11
CA GLU A 53 12.08 -6.77 -0.31
C GLU A 53 12.09 -5.38 -0.96
N GLN A 54 11.86 -5.38 -2.26
CA GLN A 54 11.78 -4.13 -3.00
C GLN A 54 10.32 -3.66 -3.09
N ALA A 55 9.57 -3.93 -2.03
CA ALA A 55 8.45 -3.08 -1.67
C ALA A 55 8.82 -2.25 -0.45
N ILE A 56 8.72 -0.94 -0.60
CA ILE A 56 8.72 -0.04 0.54
C ILE A 56 7.30 0.09 1.09
N VAL A 57 7.23 0.34 2.39
CA VAL A 57 5.94 0.56 3.02
C VAL A 57 5.94 1.94 3.69
N TRP A 58 4.77 2.59 3.63
CA TRP A 58 4.71 4.03 3.81
C TRP A 58 5.39 4.37 5.14
N PRO A 59 5.97 5.61 5.18
CA PRO A 59 6.16 6.39 3.97
C PRO A 59 7.33 5.84 3.15
N LEU A 60 7.84 6.68 2.26
CA LEU A 60 9.23 6.60 1.87
C LEU A 60 10.11 7.05 3.03
N PRO A 61 11.40 6.58 3.00
CA PRO A 61 12.41 7.12 3.87
C PRO A 61 12.88 8.49 3.40
N ASN A 62 13.31 8.54 2.15
CA ASN A 62 14.23 9.57 1.71
C ASN A 62 13.46 10.63 0.91
N LYS A 63 12.14 10.48 0.92
CA LYS A 63 11.27 11.45 0.29
C LYS A 63 9.84 11.25 0.79
N ARG A 64 9.69 11.33 2.10
CA ARG A 64 8.37 11.29 2.70
C ARG A 64 7.57 12.53 2.30
N CYS A 65 6.27 12.47 2.56
CA CYS A 65 5.37 13.53 2.14
C CYS A 65 5.70 14.78 2.97
N SER A 66 5.37 15.93 2.39
CA SER A 66 5.58 17.20 3.08
C SER A 66 4.57 17.34 4.23
N NH2 A 67 4.94 16.80 5.37
HN1 NH2 A 67 5.81 16.31 5.44
HN2 NH2 A 67 4.35 16.89 6.18
N LYS A 1 8.49 -8.83 2.86
CA LYS A 1 8.79 -7.61 3.58
C LYS A 1 7.56 -6.70 3.58
N GLU A 2 6.51 -7.18 4.22
CA GLU A 2 5.16 -6.71 3.94
C GLU A 2 4.78 -5.57 4.89
N GLY A 3 3.82 -4.77 4.44
CA GLY A 3 3.37 -3.64 5.23
C GLY A 3 2.41 -2.76 4.43
N TYR A 4 2.15 -1.57 4.95
CA TYR A 4 1.31 -0.62 4.28
C TYR A 4 2.07 0.08 3.14
N LEU A 5 1.75 -0.32 1.93
CA LEU A 5 2.41 0.25 0.75
C LEU A 5 2.31 1.78 0.82
N VAL A 6 3.35 2.43 0.33
CA VAL A 6 3.41 3.88 0.33
C VAL A 6 3.28 4.39 -1.10
N ASP A 7 2.79 5.62 -1.22
CA ASP A 7 2.64 6.24 -2.53
C ASP A 7 3.95 6.90 -2.93
N LYS A 8 4.10 7.09 -4.24
CA LYS A 8 5.20 7.89 -4.76
C LYS A 8 4.68 9.25 -5.21
N ASN A 9 3.44 9.25 -5.67
CA ASN A 9 2.88 10.42 -6.33
C ASN A 9 2.89 11.59 -5.35
N THR A 10 2.08 11.47 -4.31
CA THR A 10 2.06 12.45 -3.24
C THR A 10 3.16 12.13 -2.22
N GLY A 11 3.48 10.85 -2.11
CA GLY A 11 4.41 10.40 -1.10
C GLY A 11 3.72 10.30 0.27
N CYS A 12 2.40 10.24 0.23
CA CYS A 12 1.61 10.38 1.45
C CYS A 12 1.11 9.00 1.86
N LYS A 13 0.57 8.93 3.06
CA LYS A 13 -0.18 7.76 3.49
C LYS A 13 -1.37 7.56 2.57
N TYR A 14 -1.59 6.31 2.18
CA TYR A 14 -2.72 5.97 1.34
C TYR A 14 -4.04 6.40 1.98
N GLU A 15 -4.17 6.06 3.26
CA GLU A 15 -5.41 6.33 3.97
C GLU A 15 -6.55 5.54 3.34
N CYS A 16 -6.60 4.26 3.66
CA CYS A 16 -7.57 3.36 3.06
C CYS A 16 -8.96 3.76 3.55
N LEU A 17 -9.96 3.38 2.78
CA LEU A 17 -11.34 3.69 3.12
C LEU A 17 -11.76 2.88 4.34
N LYS A 18 -13.06 2.89 4.61
CA LYS A 18 -13.63 2.05 5.64
C LYS A 18 -12.94 0.68 5.60
N LEU A 19 -12.45 0.27 6.76
CA LEU A 19 -11.63 -0.93 6.85
C LEU A 19 -12.49 -2.15 6.53
N GLY A 20 -11.81 -3.23 6.14
CA GLY A 20 -12.50 -4.47 5.82
C GLY A 20 -12.65 -4.63 4.31
N ASP A 21 -13.00 -3.52 3.65
CA ASP A 21 -13.33 -3.56 2.24
C ASP A 21 -12.05 -3.69 1.42
N ASN A 22 -11.66 -4.94 1.19
CA ASN A 22 -10.36 -5.22 0.63
C ASN A 22 -10.49 -5.36 -0.90
N ASP A 23 -11.12 -4.37 -1.49
CA ASP A 23 -11.36 -4.39 -2.93
C ASP A 23 -10.41 -3.42 -3.61
N TYR A 24 -10.50 -2.16 -3.20
CA TYR A 24 -9.69 -1.11 -3.81
C TYR A 24 -8.24 -1.22 -3.37
N CYS A 25 -8.05 -1.73 -2.15
CA CYS A 25 -6.72 -2.09 -1.69
C CYS A 25 -6.12 -3.10 -2.68
N LEU A 26 -6.85 -4.18 -2.89
CA LEU A 26 -6.37 -5.24 -3.76
C LEU A 26 -6.06 -4.66 -5.15
N ARG A 27 -7.02 -3.90 -5.66
CA ARG A 27 -6.89 -3.37 -7.01
C ARG A 27 -5.59 -2.57 -7.14
N GLU A 28 -5.40 -1.65 -6.21
CA GLU A 28 -4.29 -0.72 -6.29
C GLU A 28 -2.96 -1.47 -6.17
N CYS A 29 -2.90 -2.34 -5.17
CA CYS A 29 -1.71 -3.14 -4.96
C CYS A 29 -1.39 -3.89 -6.26
N LYS A 30 -2.44 -4.41 -6.88
CA LYS A 30 -2.28 -5.24 -8.06
C LYS A 30 -1.76 -4.39 -9.21
N GLN A 31 -2.47 -3.31 -9.46
CA GLN A 31 -2.13 -2.44 -10.59
C GLN A 31 -1.36 -1.22 -10.10
N GLN A 32 -0.34 -1.49 -9.30
CA GLN A 32 0.68 -0.48 -9.02
C GLN A 32 1.90 -1.14 -8.38
N TYR A 33 1.65 -2.19 -7.61
CA TYR A 33 2.72 -3.03 -7.09
C TYR A 33 2.59 -4.46 -7.58
N GLY A 34 2.18 -4.59 -8.84
CA GLY A 34 2.48 -5.79 -9.60
C GLY A 34 1.24 -6.66 -9.76
N LYS A 35 1.06 -7.17 -10.97
CA LYS A 35 -0.18 -7.83 -11.33
C LYS A 35 -0.19 -9.25 -10.75
N GLY A 36 -0.18 -9.31 -9.42
CA GLY A 36 -0.12 -10.59 -8.73
C GLY A 36 -0.18 -10.39 -7.22
N ALA A 37 0.52 -9.37 -6.77
CA ALA A 37 0.53 -9.04 -5.34
C ALA A 37 -0.90 -8.71 -4.89
N GLY A 38 -1.05 -8.56 -3.58
CA GLY A 38 -2.36 -8.34 -3.00
C GLY A 38 -2.24 -7.73 -1.61
N GLY A 39 -3.37 -7.70 -0.92
CA GLY A 39 -3.49 -6.88 0.28
C GLY A 39 -4.95 -6.84 0.77
N TYR A 40 -5.16 -6.02 1.79
CA TYR A 40 -6.51 -5.74 2.24
C TYR A 40 -6.56 -4.45 3.06
N CYS A 41 -7.77 -3.97 3.29
CA CYS A 41 -7.97 -2.66 3.91
C CYS A 41 -7.99 -2.85 5.43
N TYR A 42 -6.87 -2.53 6.05
CA TYR A 42 -6.81 -2.50 7.50
C TYR A 42 -7.34 -1.17 8.05
N ALA A 43 -7.04 -0.93 9.31
CA ALA A 43 -7.50 0.29 9.97
C ALA A 43 -7.07 1.50 9.15
N PHE A 44 -7.89 1.84 8.16
CA PHE A 44 -7.59 2.96 7.29
C PHE A 44 -6.14 2.93 6.82
N ALA A 45 -5.71 1.75 6.39
CA ALA A 45 -4.45 1.62 5.70
C ALA A 45 -4.44 0.31 4.90
N CYS A 46 -3.90 0.39 3.69
CA CYS A 46 -3.94 -0.73 2.77
C CYS A 46 -2.68 -1.58 2.99
N TRP A 47 -2.88 -2.69 3.70
CA TRP A 47 -1.78 -3.58 4.00
C TRP A 47 -1.60 -4.53 2.82
N CYS A 48 -0.45 -4.40 2.17
CA CYS A 48 -0.12 -5.28 1.06
C CYS A 48 0.76 -6.40 1.60
N THR A 49 0.60 -7.58 1.00
CA THR A 49 1.04 -8.81 1.63
C THR A 49 1.31 -9.88 0.56
N HIS A 50 1.99 -9.46 -0.49
CA HIS A 50 2.61 -10.40 -1.41
C HIS A 50 3.62 -9.68 -2.29
N LEU A 51 4.61 -9.07 -1.65
CA LEU A 51 5.52 -8.19 -2.34
C LEU A 51 6.89 -8.87 -2.45
N TYR A 52 7.84 -8.13 -3.02
CA TYR A 52 9.23 -8.54 -2.97
C TYR A 52 10.03 -7.64 -2.01
N GLU A 53 11.33 -7.90 -1.95
CA GLU A 53 12.19 -7.21 -1.00
C GLU A 53 12.22 -5.72 -1.31
N GLN A 54 11.85 -5.39 -2.54
CA GLN A 54 11.81 -3.99 -2.97
C GLN A 54 10.46 -3.37 -2.62
N ALA A 55 9.75 -4.04 -1.73
CA ALA A 55 8.63 -3.41 -1.04
C ALA A 55 9.12 -2.17 -0.32
N ILE A 56 8.36 -1.09 -0.49
CA ILE A 56 8.47 0.05 0.41
C ILE A 56 7.13 0.26 1.11
N VAL A 57 7.20 0.55 2.41
CA VAL A 57 6.01 0.67 3.23
C VAL A 57 6.08 1.95 4.05
N TRP A 58 4.92 2.56 4.25
CA TRP A 58 4.87 3.92 4.73
C TRP A 58 5.55 3.98 6.10
N PRO A 59 6.12 5.18 6.41
CA PRO A 59 6.36 6.18 5.39
C PRO A 59 7.55 5.80 4.51
N LEU A 60 7.84 6.68 3.56
CA LEU A 60 9.03 6.52 2.74
C LEU A 60 10.28 6.76 3.60
N PRO A 61 11.37 6.03 3.25
CA PRO A 61 12.33 5.58 4.25
C PRO A 61 13.20 6.74 4.72
N ASN A 62 13.51 7.64 3.78
CA ASN A 62 14.19 8.87 4.12
C ASN A 62 13.67 10.00 3.20
N LYS A 63 12.35 10.18 3.25
CA LYS A 63 11.74 11.34 2.61
C LYS A 63 10.27 11.41 3.00
N ARG A 64 9.69 12.59 2.80
CA ARG A 64 8.39 12.88 3.36
C ARG A 64 7.38 13.15 2.24
N CYS A 65 6.11 13.13 2.61
CA CYS A 65 5.05 13.49 1.68
C CYS A 65 5.36 14.88 1.12
N SER A 66 5.26 14.98 -0.21
CA SER A 66 5.48 16.25 -0.87
C SER A 66 4.48 17.29 -0.35
N NH2 A 67 3.23 17.11 -0.75
HN1 NH2 A 67 3.01 16.37 -1.39
HN2 NH2 A 67 2.51 17.72 -0.43
N LYS A 1 8.78 -8.17 4.48
CA LYS A 1 9.02 -6.85 3.93
C LYS A 1 7.70 -6.06 3.93
N GLU A 2 6.65 -6.72 4.39
CA GLU A 2 5.30 -6.32 4.03
C GLU A 2 4.81 -5.20 4.95
N GLY A 3 3.72 -4.59 4.55
CA GLY A 3 3.10 -3.54 5.36
C GLY A 3 2.18 -2.66 4.51
N TYR A 4 1.93 -1.46 5.01
CA TYR A 4 1.04 -0.54 4.33
C TYR A 4 1.74 0.14 3.15
N LEU A 5 1.14 -0.03 1.97
CA LEU A 5 1.80 0.35 0.74
C LEU A 5 2.13 1.84 0.78
N VAL A 6 3.06 2.23 -0.08
CA VAL A 6 3.42 3.63 -0.22
C VAL A 6 3.41 4.00 -1.70
N ASP A 7 3.11 5.26 -1.96
CA ASP A 7 3.23 5.81 -3.30
C ASP A 7 4.70 6.14 -3.57
N LYS A 8 5.07 6.00 -4.84
CA LYS A 8 6.47 6.13 -5.22
C LYS A 8 6.77 7.59 -5.61
N ASN A 9 5.69 8.33 -5.84
CA ASN A 9 5.81 9.68 -6.33
C ASN A 9 5.68 10.66 -5.16
N THR A 10 4.45 10.78 -4.67
CA THR A 10 4.15 11.76 -3.64
C THR A 10 4.46 11.18 -2.26
N GLY A 11 4.67 9.88 -2.23
CA GLY A 11 5.01 9.20 -0.99
C GLY A 11 3.94 9.44 0.08
N CYS A 12 2.71 9.55 -0.38
CA CYS A 12 1.59 9.76 0.52
C CYS A 12 0.82 8.44 0.66
N LYS A 13 0.33 8.20 1.87
CA LYS A 13 -0.48 7.02 2.12
C LYS A 13 -1.79 7.14 1.35
N TYR A 14 -2.44 5.99 1.19
CA TYR A 14 -3.65 5.93 0.39
C TYR A 14 -4.91 5.92 1.28
N GLU A 15 -4.77 5.24 2.40
CA GLU A 15 -5.79 5.31 3.44
C GLU A 15 -7.11 4.74 2.91
N CYS A 16 -7.26 3.43 3.07
CA CYS A 16 -8.50 2.77 2.68
C CYS A 16 -9.56 3.08 3.75
N LEU A 17 -10.26 4.18 3.53
CA LEU A 17 -11.46 4.47 4.30
C LEU A 17 -12.38 3.24 4.26
N LYS A 18 -13.08 3.03 5.38
CA LYS A 18 -13.83 1.81 5.56
C LYS A 18 -12.87 0.61 5.56
N LEU A 19 -12.37 0.29 6.75
CA LEU A 19 -11.57 -0.91 6.92
C LEU A 19 -12.40 -2.13 6.57
N GLY A 20 -11.71 -3.22 6.27
CA GLY A 20 -12.37 -4.48 5.98
C GLY A 20 -12.44 -4.74 4.48
N ASP A 21 -13.08 -3.83 3.78
CA ASP A 21 -13.48 -4.07 2.40
C ASP A 21 -12.22 -4.08 1.52
N ASN A 22 -11.70 -5.29 1.31
CA ASN A 22 -10.45 -5.44 0.58
C ASN A 22 -10.75 -5.50 -0.92
N ASP A 23 -11.31 -4.40 -1.42
CA ASP A 23 -11.50 -4.25 -2.85
C ASP A 23 -10.48 -3.26 -3.40
N TYR A 24 -10.62 -2.01 -2.97
CA TYR A 24 -9.77 -0.95 -3.48
C TYR A 24 -8.30 -1.21 -3.13
N CYS A 25 -8.09 -1.75 -1.94
CA CYS A 25 -6.77 -2.20 -1.54
C CYS A 25 -6.25 -3.17 -2.60
N LEU A 26 -7.02 -4.23 -2.80
CA LEU A 26 -6.57 -5.31 -3.67
C LEU A 26 -6.23 -4.74 -5.05
N ARG A 27 -7.06 -3.81 -5.49
CA ARG A 27 -6.89 -3.22 -6.81
C ARG A 27 -5.59 -2.41 -6.86
N GLU A 28 -5.51 -1.42 -5.98
CA GLU A 28 -4.39 -0.51 -5.99
C GLU A 28 -3.08 -1.28 -5.85
N CYS A 29 -3.10 -2.29 -5.00
CA CYS A 29 -1.92 -3.10 -4.77
C CYS A 29 -1.48 -3.70 -6.10
N LYS A 30 -2.46 -4.24 -6.82
CA LYS A 30 -2.18 -4.96 -8.05
C LYS A 30 -1.77 -3.96 -9.14
N GLN A 31 -2.41 -2.81 -9.10
CA GLN A 31 -2.27 -1.84 -10.17
C GLN A 31 -1.41 -0.65 -9.72
N GLN A 32 -0.41 -0.97 -8.91
CA GLN A 32 0.61 0.01 -8.57
C GLN A 32 1.85 -0.69 -8.00
N TYR A 33 1.59 -1.75 -7.25
CA TYR A 33 2.67 -2.58 -6.74
C TYR A 33 2.72 -3.93 -7.46
N GLY A 34 2.23 -3.93 -8.69
CA GLY A 34 2.57 -4.98 -9.63
C GLY A 34 1.37 -5.91 -9.88
N LYS A 35 1.25 -6.33 -11.13
CA LYS A 35 0.11 -7.15 -11.53
C LYS A 35 0.26 -8.56 -10.95
N GLY A 36 0.20 -8.64 -9.63
CA GLY A 36 0.26 -9.92 -8.95
C GLY A 36 -0.19 -9.79 -7.50
N ALA A 37 0.42 -8.83 -6.80
CA ALA A 37 0.39 -8.82 -5.35
C ALA A 37 -1.04 -8.58 -4.88
N GLY A 38 -1.22 -8.65 -3.56
CA GLY A 38 -2.52 -8.40 -2.97
C GLY A 38 -2.37 -7.80 -1.57
N GLY A 39 -3.49 -7.74 -0.86
CA GLY A 39 -3.60 -6.87 0.30
C GLY A 39 -5.02 -6.88 0.85
N TYR A 40 -5.21 -6.11 1.91
CA TYR A 40 -6.55 -5.87 2.43
C TYR A 40 -6.59 -4.58 3.27
N CYS A 41 -7.81 -4.13 3.54
CA CYS A 41 -7.99 -2.88 4.25
C CYS A 41 -7.96 -3.16 5.75
N TYR A 42 -6.84 -2.82 6.37
CA TYR A 42 -6.79 -2.66 7.81
C TYR A 42 -7.27 -1.28 8.23
N ALA A 43 -7.13 -0.99 9.52
CA ALA A 43 -7.68 0.23 10.09
C ALA A 43 -7.17 1.43 9.28
N PHE A 44 -7.95 1.78 8.26
CA PHE A 44 -7.67 2.98 7.49
C PHE A 44 -6.23 2.96 6.95
N ALA A 45 -5.82 1.78 6.51
CA ALA A 45 -4.60 1.66 5.73
C ALA A 45 -4.59 0.31 5.00
N CYS A 46 -4.20 0.36 3.74
CA CYS A 46 -4.20 -0.84 2.92
C CYS A 46 -2.87 -1.57 3.14
N TRP A 47 -2.96 -2.70 3.80
CA TRP A 47 -1.80 -3.56 4.00
C TRP A 47 -1.67 -4.46 2.77
N CYS A 48 -0.51 -4.37 2.13
CA CYS A 48 -0.19 -5.26 1.03
C CYS A 48 0.70 -6.38 1.55
N THR A 49 0.43 -7.58 1.07
CA THR A 49 0.97 -8.77 1.70
C THR A 49 1.31 -9.83 0.64
N HIS A 50 1.97 -9.36 -0.42
CA HIS A 50 2.65 -10.27 -1.33
C HIS A 50 3.66 -9.49 -2.16
N LEU A 51 4.62 -8.88 -1.48
CA LEU A 51 5.52 -7.93 -2.12
C LEU A 51 6.90 -8.56 -2.25
N TYR A 52 7.78 -7.83 -2.92
CA TYR A 52 9.16 -8.28 -3.08
C TYR A 52 10.10 -7.45 -2.20
N GLU A 53 11.39 -7.73 -2.35
CA GLU A 53 12.39 -7.11 -1.51
C GLU A 53 12.30 -5.58 -1.60
N GLN A 54 11.66 -5.13 -2.67
CA GLN A 54 11.43 -3.70 -2.86
C GLN A 54 10.06 -3.32 -2.33
N ALA A 55 9.64 -4.02 -1.29
CA ALA A 55 8.49 -3.58 -0.50
C ALA A 55 8.92 -2.48 0.46
N ILE A 56 8.59 -1.26 0.09
CA ILE A 56 8.62 -0.15 1.03
C ILE A 56 7.20 0.10 1.56
N VAL A 57 7.14 0.51 2.82
CA VAL A 57 5.86 0.66 3.49
C VAL A 57 5.83 2.01 4.22
N TRP A 58 4.69 2.67 4.12
CA TRP A 58 4.65 4.12 4.27
C TRP A 58 5.15 4.46 5.68
N PRO A 59 5.74 5.69 5.79
CA PRO A 59 6.15 6.43 4.62
C PRO A 59 7.42 5.85 4.00
N LEU A 60 8.04 6.64 3.14
CA LEU A 60 9.43 6.42 2.78
C LEU A 60 10.31 7.37 3.59
N PRO A 61 11.61 6.98 3.71
CA PRO A 61 12.51 7.66 4.64
C PRO A 61 12.93 9.02 4.09
N ASN A 62 13.40 9.01 2.85
CA ASN A 62 14.21 10.10 2.34
C ASN A 62 13.35 10.99 1.43
N LYS A 63 12.07 10.67 1.39
CA LYS A 63 11.12 11.49 0.65
C LYS A 63 9.69 11.13 1.08
N ARG A 64 9.43 11.34 2.36
CA ARG A 64 8.07 11.25 2.86
C ARG A 64 7.19 12.32 2.24
N CYS A 65 5.89 12.17 2.40
CA CYS A 65 4.94 13.16 1.94
C CYS A 65 5.21 14.47 2.70
N SER A 66 5.04 15.57 2.00
CA SER A 66 5.38 16.87 2.54
C SER A 66 4.54 17.15 3.79
N NH2 A 67 3.23 17.24 3.58
HN1 NH2 A 67 2.86 17.04 2.67
HN2 NH2 A 67 2.62 17.50 4.33
N LYS A 1 8.36 -8.65 4.74
CA LYS A 1 8.35 -7.86 3.52
C LYS A 1 6.92 -7.41 3.22
N GLU A 2 6.20 -7.06 4.28
CA GLU A 2 4.80 -6.72 4.15
C GLU A 2 4.47 -5.49 5.00
N GLY A 3 3.61 -4.64 4.44
CA GLY A 3 3.26 -3.40 5.11
C GLY A 3 2.30 -2.57 4.25
N TYR A 4 2.06 -1.35 4.70
CA TYR A 4 1.17 -0.45 3.98
C TYR A 4 1.89 0.15 2.76
N LEU A 5 1.41 -0.26 1.59
CA LEU A 5 2.03 0.15 0.34
C LEU A 5 2.10 1.68 0.31
N VAL A 6 2.96 2.18 -0.57
CA VAL A 6 3.23 3.62 -0.62
C VAL A 6 3.23 4.08 -2.07
N ASP A 7 2.84 5.33 -2.27
CA ASP A 7 2.98 5.97 -3.57
C ASP A 7 4.39 6.54 -3.71
N LYS A 8 5.10 6.05 -4.72
CA LYS A 8 6.51 6.34 -4.85
C LYS A 8 6.69 7.80 -5.29
N ASN A 9 5.58 8.42 -5.64
CA ASN A 9 5.58 9.82 -5.99
C ASN A 9 5.68 10.67 -4.72
N THR A 10 4.56 10.78 -4.02
CA THR A 10 4.42 11.77 -2.98
C THR A 10 4.60 11.13 -1.61
N GLY A 11 4.41 9.82 -1.57
CA GLY A 11 4.47 9.08 -0.31
C GLY A 11 3.46 9.64 0.69
N CYS A 12 2.28 9.98 0.19
CA CYS A 12 1.28 10.64 0.99
C CYS A 12 0.22 9.60 1.39
N LYS A 13 0.43 8.38 0.91
CA LYS A 13 -0.38 7.26 1.34
C LYS A 13 -1.79 7.38 0.75
N TYR A 14 -2.48 6.26 0.72
CA TYR A 14 -3.78 6.19 0.08
C TYR A 14 -4.90 6.14 1.12
N GLU A 15 -4.77 5.19 2.03
CA GLU A 15 -5.82 4.95 3.02
C GLU A 15 -7.06 4.38 2.34
N CYS A 16 -7.88 3.72 3.16
CA CYS A 16 -9.20 3.32 2.71
C CYS A 16 -10.18 3.49 3.88
N LEU A 17 -11.17 4.34 3.67
CA LEU A 17 -11.99 4.82 4.76
C LEU A 17 -13.11 3.82 5.04
N LYS A 18 -12.72 2.55 5.17
CA LYS A 18 -13.68 1.46 5.10
C LYS A 18 -12.94 0.14 5.33
N LEU A 19 -12.69 -0.16 6.59
CA LEU A 19 -11.79 -1.25 6.94
C LEU A 19 -12.49 -2.58 6.68
N GLY A 20 -11.69 -3.60 6.40
CA GLY A 20 -12.23 -4.89 6.00
C GLY A 20 -12.27 -5.01 4.47
N ASP A 21 -12.91 -4.04 3.85
CA ASP A 21 -13.23 -4.14 2.44
C ASP A 21 -11.94 -4.15 1.62
N ASN A 22 -11.49 -5.35 1.29
CA ASN A 22 -10.23 -5.52 0.60
C ASN A 22 -10.46 -5.54 -0.91
N ASP A 23 -11.14 -4.50 -1.38
CA ASP A 23 -11.39 -4.36 -2.80
C ASP A 23 -10.48 -3.26 -3.38
N TYR A 24 -10.68 -2.05 -2.86
CA TYR A 24 -9.94 -0.90 -3.35
C TYR A 24 -8.47 -0.97 -2.95
N CYS A 25 -8.24 -1.58 -1.79
CA CYS A 25 -6.89 -1.73 -1.29
C CYS A 25 -6.16 -2.77 -2.15
N LEU A 26 -6.93 -3.72 -2.64
CA LEU A 26 -6.42 -4.63 -3.65
C LEU A 26 -6.08 -3.86 -4.92
N ARG A 27 -7.04 -3.05 -5.36
CA ARG A 27 -6.88 -2.30 -6.60
C ARG A 27 -5.60 -1.47 -6.56
N GLU A 28 -5.43 -0.78 -5.44
CA GLU A 28 -4.24 0.05 -5.26
C GLU A 28 -2.97 -0.79 -5.40
N CYS A 29 -2.93 -1.88 -4.64
CA CYS A 29 -1.79 -2.77 -4.67
C CYS A 29 -1.55 -3.20 -6.12
N LYS A 30 -2.65 -3.45 -6.83
CA LYS A 30 -2.57 -4.11 -8.11
C LYS A 30 -2.12 -3.11 -9.18
N GLN A 31 -2.34 -1.83 -8.88
CA GLN A 31 -1.77 -0.76 -9.68
C GLN A 31 -0.68 -0.04 -8.89
N GLN A 32 0.31 -0.81 -8.46
CA GLN A 32 1.68 -0.30 -8.37
C GLN A 32 2.62 -1.41 -7.90
N TYR A 33 2.04 -2.37 -7.18
CA TYR A 33 2.63 -3.70 -7.12
C TYR A 33 1.79 -4.70 -7.93
N GLY A 34 1.43 -4.30 -9.13
CA GLY A 34 0.61 -5.14 -9.99
C GLY A 34 1.35 -6.41 -10.37
N LYS A 35 2.63 -6.46 -10.00
CA LYS A 35 3.39 -7.68 -10.14
C LYS A 35 2.96 -8.69 -9.08
N GLY A 36 1.72 -9.15 -9.22
CA GLY A 36 1.29 -10.36 -8.56
C GLY A 36 1.32 -10.19 -7.03
N ALA A 37 0.87 -9.04 -6.59
CA ALA A 37 0.76 -8.77 -5.17
C ALA A 37 -0.71 -8.81 -4.75
N GLY A 38 -0.92 -8.78 -3.44
CA GLY A 38 -2.26 -8.56 -2.91
C GLY A 38 -2.20 -7.79 -1.60
N GLY A 39 -3.36 -7.62 -0.99
CA GLY A 39 -3.50 -6.73 0.15
C GLY A 39 -4.95 -6.68 0.64
N TYR A 40 -5.15 -5.89 1.69
CA TYR A 40 -6.50 -5.65 2.19
C TYR A 40 -6.55 -4.36 3.02
N CYS A 41 -7.76 -4.01 3.43
CA CYS A 41 -7.98 -2.76 4.13
C CYS A 41 -7.98 -3.04 5.63
N TYR A 42 -6.92 -2.60 6.29
CA TYR A 42 -6.86 -2.64 7.74
C TYR A 42 -7.57 -1.42 8.34
N ALA A 43 -7.44 -1.28 9.65
CA ALA A 43 -8.41 -0.50 10.42
C ALA A 43 -8.58 0.86 9.75
N PHE A 44 -7.47 1.41 9.29
CA PHE A 44 -7.51 2.42 8.24
C PHE A 44 -6.14 2.56 7.57
N ALA A 45 -5.80 1.54 6.79
CA ALA A 45 -4.83 1.70 5.72
C ALA A 45 -4.72 0.41 4.93
N CYS A 46 -4.12 0.52 3.75
CA CYS A 46 -4.10 -0.60 2.82
C CYS A 46 -2.82 -1.39 3.03
N TRP A 47 -2.97 -2.55 3.67
CA TRP A 47 -1.83 -3.38 3.98
C TRP A 47 -1.66 -4.39 2.85
N CYS A 48 -0.48 -4.35 2.24
CA CYS A 48 -0.19 -5.25 1.14
C CYS A 48 0.70 -6.37 1.67
N THR A 49 0.48 -7.57 1.14
CA THR A 49 0.88 -8.78 1.83
C THR A 49 1.15 -9.90 0.82
N HIS A 50 1.84 -9.54 -0.25
CA HIS A 50 2.42 -10.53 -1.13
C HIS A 50 3.46 -9.87 -2.05
N LEU A 51 4.43 -9.23 -1.40
CA LEU A 51 5.33 -8.35 -2.12
C LEU A 51 6.68 -9.04 -2.32
N TYR A 52 7.59 -8.33 -2.97
CA TYR A 52 8.95 -8.81 -3.13
C TYR A 52 9.91 -8.00 -2.25
N GLU A 53 11.20 -8.27 -2.45
CA GLU A 53 12.23 -7.61 -1.66
C GLU A 53 12.07 -6.09 -1.75
N GLN A 54 11.49 -5.65 -2.86
CA GLN A 54 11.27 -4.23 -3.07
C GLN A 54 9.88 -3.83 -2.55
N ALA A 55 9.46 -4.52 -1.50
CA ALA A 55 8.37 -4.03 -0.67
C ALA A 55 8.79 -2.74 0.02
N ILE A 56 8.34 -1.63 -0.56
CA ILE A 56 8.43 -0.35 0.12
C ILE A 56 7.07 0.00 0.73
N VAL A 57 7.12 0.52 1.94
CA VAL A 57 5.91 0.70 2.74
C VAL A 57 5.96 2.05 3.44
N TRP A 58 4.80 2.68 3.56
CA TRP A 58 4.75 4.11 3.79
C TRP A 58 5.46 4.39 5.12
N PRO A 59 5.99 5.64 5.23
CA PRO A 59 6.19 6.47 4.06
C PRO A 59 7.40 6.00 3.25
N LEU A 60 7.91 6.89 2.41
CA LEU A 60 9.30 6.83 2.02
C LEU A 60 10.18 7.30 3.17
N PRO A 61 11.46 6.81 3.16
CA PRO A 61 12.45 7.28 4.11
C PRO A 61 12.94 8.68 3.75
N ASN A 62 13.36 8.82 2.51
CA ASN A 62 14.25 9.90 2.13
C ASN A 62 13.48 10.94 1.32
N LYS A 63 12.17 10.73 1.25
CA LYS A 63 11.30 11.67 0.56
C LYS A 63 9.84 11.38 0.95
N ARG A 64 9.59 11.43 2.24
CA ARG A 64 8.22 11.38 2.75
C ARG A 64 7.46 12.64 2.31
N CYS A 65 6.14 12.56 2.43
CA CYS A 65 5.28 13.62 1.95
C CYS A 65 5.53 14.88 2.79
N SER A 66 5.63 16.01 2.10
CA SER A 66 5.83 17.27 2.78
C SER A 66 4.54 17.71 3.48
N NH2 A 67 3.50 17.88 2.68
HN1 NH2 A 67 3.60 17.74 1.70
HN2 NH2 A 67 2.61 18.13 3.07
N LYS A 1 7.66 -9.62 1.16
CA LYS A 1 7.64 -8.39 1.95
C LYS A 1 6.19 -7.97 2.17
N GLU A 2 5.94 -7.39 3.34
CA GLU A 2 4.63 -6.87 3.67
C GLU A 2 4.74 -5.51 4.36
N GLY A 3 3.67 -4.74 4.27
CA GLY A 3 3.41 -3.70 5.25
C GLY A 3 2.34 -2.72 4.75
N TYR A 4 2.22 -1.61 5.45
CA TYR A 4 1.37 -0.53 5.00
C TYR A 4 2.03 0.23 3.85
N LEU A 5 1.68 -0.17 2.64
CA LEU A 5 2.44 0.23 1.47
C LEU A 5 2.60 1.75 1.46
N VAL A 6 3.71 2.19 0.89
CA VAL A 6 3.89 3.60 0.58
C VAL A 6 3.98 3.78 -0.94
N ASP A 7 3.57 4.95 -1.39
CA ASP A 7 3.46 5.22 -2.81
C ASP A 7 4.81 5.70 -3.35
N LYS A 8 5.03 5.45 -4.64
CA LYS A 8 6.34 5.65 -5.22
C LYS A 8 6.38 6.99 -5.95
N ASN A 9 5.23 7.63 -5.98
CA ASN A 9 5.09 8.89 -6.71
C ASN A 9 4.87 10.03 -5.72
N THR A 10 3.69 10.03 -5.12
CA THR A 10 3.31 11.11 -4.23
C THR A 10 3.64 10.75 -2.78
N GLY A 11 4.07 9.51 -2.60
CA GLY A 11 4.39 9.02 -1.26
C GLY A 11 3.18 9.11 -0.34
N CYS A 12 2.00 9.08 -0.96
CA CYS A 12 0.77 9.30 -0.22
C CYS A 12 -0.11 8.05 -0.38
N LYS A 13 -1.40 8.24 -0.13
CA LYS A 13 -2.34 7.15 -0.22
C LYS A 13 -2.31 6.34 1.09
N TYR A 14 -2.34 5.02 0.94
CA TYR A 14 -2.69 4.15 2.04
C TYR A 14 -3.67 4.85 3.00
N GLU A 15 -4.85 5.14 2.47
CA GLU A 15 -5.93 5.66 3.29
C GLU A 15 -7.28 5.30 2.68
N CYS A 16 -7.51 4.00 2.58
CA CYS A 16 -8.73 3.51 1.94
C CYS A 16 -9.91 3.78 2.89
N LEU A 17 -11.05 4.05 2.29
CA LEU A 17 -12.25 4.38 3.06
C LEU A 17 -12.70 3.13 3.83
N LYS A 18 -12.90 3.32 5.12
CA LYS A 18 -13.37 2.23 5.98
C LYS A 18 -12.27 1.18 6.07
N LEU A 19 -12.40 0.33 7.08
CA LEU A 19 -11.58 -0.87 7.16
C LEU A 19 -12.42 -2.09 6.81
N GLY A 20 -11.76 -3.08 6.23
CA GLY A 20 -12.42 -4.33 5.88
C GLY A 20 -12.66 -4.42 4.37
N ASP A 21 -12.83 -3.25 3.76
CA ASP A 21 -13.12 -3.18 2.34
C ASP A 21 -11.85 -3.51 1.54
N ASN A 22 -11.57 -4.79 1.43
CA ASN A 22 -10.29 -5.25 0.93
C ASN A 22 -10.35 -5.38 -0.59
N ASP A 23 -11.05 -4.44 -1.21
CA ASP A 23 -11.06 -4.35 -2.66
C ASP A 23 -10.17 -3.20 -3.11
N TYR A 24 -10.37 -2.05 -2.47
CA TYR A 24 -9.61 -0.86 -2.83
C TYR A 24 -8.12 -1.05 -2.57
N CYS A 25 -7.82 -1.82 -1.52
CA CYS A 25 -6.45 -2.14 -1.19
C CYS A 25 -5.86 -2.95 -2.36
N LEU A 26 -6.51 -4.05 -2.67
CA LEU A 26 -6.11 -4.87 -3.80
C LEU A 26 -5.86 -3.97 -5.01
N ARG A 27 -6.85 -3.12 -5.28
CA ARG A 27 -6.80 -2.27 -6.46
C ARG A 27 -5.51 -1.46 -6.48
N GLU A 28 -5.26 -0.77 -5.37
CA GLU A 28 -4.14 0.16 -5.29
C GLU A 28 -2.82 -0.60 -5.45
N CYS A 29 -2.75 -1.74 -4.77
CA CYS A 29 -1.58 -2.59 -4.87
C CYS A 29 -1.38 -2.97 -6.33
N LYS A 30 -2.50 -3.16 -7.02
CA LYS A 30 -2.47 -3.74 -8.35
C LYS A 30 -1.82 -2.75 -9.32
N GLN A 31 -2.04 -1.46 -9.04
CA GLN A 31 -1.53 -0.41 -9.91
C GLN A 31 -0.32 0.27 -9.26
N GLN A 32 0.56 -0.56 -8.71
CA GLN A 32 1.93 -0.14 -8.47
C GLN A 32 2.80 -1.35 -8.15
N TYR A 33 2.23 -2.29 -7.40
CA TYR A 33 2.91 -3.52 -7.08
C TYR A 33 2.12 -4.73 -7.57
N GLY A 34 1.31 -4.50 -8.60
CA GLY A 34 0.57 -5.58 -9.22
C GLY A 34 1.50 -6.52 -9.97
N LYS A 35 2.15 -7.40 -9.22
CA LYS A 35 2.78 -8.58 -9.80
C LYS A 35 1.95 -9.82 -9.43
N GLY A 36 0.68 -9.57 -9.14
CA GLY A 36 -0.15 -10.59 -8.53
C GLY A 36 -0.09 -10.52 -7.01
N ALA A 37 0.25 -9.34 -6.51
CA ALA A 37 0.32 -9.11 -5.09
C ALA A 37 -1.10 -8.96 -4.53
N GLY A 38 -1.19 -8.95 -3.21
CA GLY A 38 -2.48 -8.86 -2.54
C GLY A 38 -2.40 -7.93 -1.34
N GLY A 39 -3.56 -7.72 -0.72
CA GLY A 39 -3.65 -6.81 0.41
C GLY A 39 -5.07 -6.75 0.96
N TYR A 40 -5.23 -5.99 2.03
CA TYR A 40 -6.56 -5.69 2.55
C TYR A 40 -6.57 -4.36 3.31
N CYS A 41 -7.78 -3.90 3.61
CA CYS A 41 -7.94 -2.59 4.21
C CYS A 41 -7.97 -2.76 5.74
N TYR A 42 -6.87 -2.36 6.36
CA TYR A 42 -6.84 -2.21 7.81
C TYR A 42 -7.41 -0.85 8.23
N ALA A 43 -7.10 -0.47 9.46
CA ALA A 43 -7.51 0.82 9.96
C ALA A 43 -7.06 1.92 9.00
N PHE A 44 -7.88 2.17 8.00
CA PHE A 44 -7.65 3.29 7.10
C PHE A 44 -6.22 3.29 6.58
N ALA A 45 -5.80 2.13 6.08
CA ALA A 45 -4.71 2.07 5.14
C ALA A 45 -4.64 0.67 4.51
N CYS A 46 -3.87 0.56 3.45
CA CYS A 46 -3.80 -0.68 2.69
C CYS A 46 -2.56 -1.45 3.13
N TRP A 47 -2.79 -2.53 3.85
CA TRP A 47 -1.72 -3.49 4.13
C TRP A 47 -1.63 -4.45 2.95
N CYS A 48 -0.48 -4.43 2.29
CA CYS A 48 -0.24 -5.32 1.18
C CYS A 48 0.70 -6.43 1.66
N THR A 49 0.45 -7.64 1.15
CA THR A 49 0.97 -8.84 1.78
C THR A 49 1.33 -9.87 0.71
N HIS A 50 2.08 -9.42 -0.28
CA HIS A 50 2.84 -10.34 -1.12
C HIS A 50 3.79 -9.54 -2.01
N LEU A 51 4.68 -8.81 -1.36
CA LEU A 51 5.52 -7.85 -2.07
C LEU A 51 6.94 -8.41 -2.21
N TYR A 52 7.74 -7.71 -2.99
CA TYR A 52 9.18 -7.91 -2.96
C TYR A 52 9.88 -6.75 -2.26
N GLU A 53 11.20 -6.84 -2.20
CA GLU A 53 11.99 -5.87 -1.45
C GLU A 53 11.92 -4.50 -2.12
N GLN A 54 11.52 -4.51 -3.38
CA GLN A 54 11.42 -3.29 -4.16
C GLN A 54 10.15 -2.53 -3.79
N ALA A 55 9.37 -3.14 -2.92
CA ALA A 55 8.22 -2.46 -2.33
C ALA A 55 8.64 -1.82 -1.01
N ILE A 56 8.10 -0.62 -0.78
CA ILE A 56 8.40 0.10 0.45
C ILE A 56 7.10 0.31 1.23
N VAL A 57 7.24 0.41 2.54
CA VAL A 57 6.09 0.56 3.41
C VAL A 57 6.29 1.77 4.32
N TRP A 58 5.19 2.42 4.66
CA TRP A 58 5.22 3.80 5.07
C TRP A 58 6.16 3.91 6.28
N PRO A 59 6.72 5.13 6.46
CA PRO A 59 6.80 6.10 5.38
C PRO A 59 7.87 5.70 4.35
N LEU A 60 8.06 6.57 3.38
CA LEU A 60 9.33 6.66 2.68
C LEU A 60 10.39 7.21 3.64
N PRO A 61 11.67 6.85 3.35
CA PRO A 61 12.71 6.92 4.37
C PRO A 61 13.13 8.36 4.62
N ASN A 62 13.07 9.16 3.56
CA ASN A 62 13.25 10.59 3.68
C ASN A 62 12.57 11.29 2.50
N LYS A 63 11.29 10.97 2.32
CA LYS A 63 10.46 11.75 1.42
C LYS A 63 9.02 11.26 1.52
N ARG A 64 8.48 11.35 2.72
CA ARG A 64 7.07 11.05 2.94
C ARG A 64 6.20 12.16 2.35
N CYS A 65 4.90 11.89 2.32
CA CYS A 65 3.98 12.75 1.58
C CYS A 65 4.16 14.18 2.06
N SER A 66 4.06 14.35 3.37
CA SER A 66 4.13 15.67 3.97
C SER A 66 5.53 16.25 3.79
N NH2 A 67 6.51 15.36 3.81
HN1 NH2 A 67 6.30 14.39 3.86
HN2 NH2 A 67 7.46 15.67 3.76
N LYS A 1 8.67 -9.28 3.28
CA LYS A 1 9.02 -8.05 2.61
C LYS A 1 7.75 -7.26 2.30
N GLU A 2 6.97 -7.02 3.35
CA GLU A 2 5.63 -6.47 3.19
C GLU A 2 5.56 -5.07 3.80
N GLY A 3 4.51 -4.35 3.43
CA GLY A 3 4.08 -3.20 4.19
C GLY A 3 3.06 -2.37 3.41
N TYR A 4 2.85 -1.15 3.88
CA TYR A 4 1.96 -0.23 3.19
C TYR A 4 2.53 0.19 1.84
N LEU A 5 1.74 0.96 1.11
CA LEU A 5 2.15 1.40 -0.22
C LEU A 5 2.51 2.89 -0.16
N VAL A 6 3.34 3.29 -1.10
CA VAL A 6 4.10 4.53 -0.97
C VAL A 6 4.32 5.15 -2.35
N ASP A 7 4.22 6.46 -2.41
CA ASP A 7 4.50 7.19 -3.63
C ASP A 7 5.89 7.81 -3.54
N LYS A 8 6.34 8.36 -4.66
CA LYS A 8 7.60 9.07 -4.69
C LYS A 8 7.35 10.58 -4.56
N ASN A 9 6.09 10.95 -4.77
CA ASN A 9 5.71 12.35 -4.76
C ASN A 9 5.57 12.83 -3.32
N THR A 10 4.45 12.46 -2.71
CA THR A 10 4.14 12.91 -1.37
C THR A 10 4.50 11.83 -0.35
N GLY A 11 4.63 10.60 -0.85
CA GLY A 11 4.72 9.45 0.02
C GLY A 11 3.36 8.78 0.19
N CYS A 12 2.32 9.60 0.08
CA CYS A 12 1.03 9.26 0.68
C CYS A 12 0.43 8.10 -0.11
N LYS A 13 0.35 8.30 -1.41
CA LYS A 13 -0.15 7.24 -2.30
C LYS A 13 -1.65 7.08 -2.10
N TYR A 14 -2.01 6.32 -1.08
CA TYR A 14 -3.36 5.80 -0.96
C TYR A 14 -3.85 5.86 0.48
N GLU A 15 -5.14 6.13 0.63
CA GLU A 15 -5.77 6.04 1.93
C GLU A 15 -7.23 5.61 1.79
N CYS A 16 -7.42 4.30 1.71
CA CYS A 16 -8.75 3.73 1.57
C CYS A 16 -9.57 4.15 2.79
N LEU A 17 -10.52 5.04 2.54
CA LEU A 17 -11.28 5.64 3.63
C LEU A 17 -12.38 4.68 4.08
N LYS A 18 -11.95 3.48 4.45
CA LYS A 18 -12.89 2.40 4.68
C LYS A 18 -12.14 1.19 5.24
N LEU A 19 -11.63 1.36 6.45
CA LEU A 19 -10.78 0.33 7.04
C LEU A 19 -11.58 -0.96 7.20
N GLY A 20 -10.89 -2.07 6.96
CA GLY A 20 -11.55 -3.37 6.96
C GLY A 20 -11.78 -3.86 5.53
N ASP A 21 -12.48 -3.04 4.76
CA ASP A 21 -13.00 -3.47 3.48
C ASP A 21 -11.83 -3.66 2.50
N ASN A 22 -11.38 -4.89 2.39
CA ASN A 22 -10.23 -5.20 1.55
C ASN A 22 -10.71 -5.53 0.14
N ASP A 23 -11.29 -4.52 -0.51
CA ASP A 23 -11.66 -4.63 -1.91
C ASP A 23 -10.67 -3.83 -2.76
N TYR A 24 -10.69 -2.52 -2.54
CA TYR A 24 -9.95 -1.62 -3.41
C TYR A 24 -8.44 -1.75 -3.20
N CYS A 25 -8.09 -2.23 -2.02
CA CYS A 25 -6.70 -2.50 -1.70
C CYS A 25 -6.27 -3.77 -2.43
N LEU A 26 -7.19 -4.72 -2.51
CA LEU A 26 -6.92 -5.98 -3.16
C LEU A 26 -6.96 -5.79 -4.68
N ARG A 27 -7.55 -4.67 -5.08
CA ARG A 27 -7.43 -4.22 -6.46
C ARG A 27 -6.07 -3.52 -6.66
N GLU A 28 -5.76 -2.63 -5.73
CA GLU A 28 -4.57 -1.80 -5.85
C GLU A 28 -3.32 -2.67 -5.93
N CYS A 29 -3.15 -3.51 -4.91
CA CYS A 29 -1.97 -4.37 -4.84
C CYS A 29 -1.86 -5.14 -6.15
N LYS A 30 -3.01 -5.54 -6.67
CA LYS A 30 -3.04 -6.39 -7.86
C LYS A 30 -2.58 -5.58 -9.07
N GLN A 31 -3.26 -4.46 -9.29
CA GLN A 31 -3.05 -3.68 -10.49
C GLN A 31 -2.27 -2.40 -10.17
N GLN A 32 -1.17 -2.57 -9.46
CA GLN A 32 -0.12 -1.56 -9.44
C GLN A 32 1.16 -2.13 -8.83
N TYR A 33 0.97 -3.01 -7.85
CA TYR A 33 2.07 -3.75 -7.28
C TYR A 33 1.96 -5.24 -7.60
N GLY A 34 1.46 -5.51 -8.80
CA GLY A 34 1.73 -6.78 -9.45
C GLY A 34 0.51 -7.71 -9.40
N LYS A 35 0.23 -8.33 -10.54
CA LYS A 35 -1.02 -9.04 -10.72
C LYS A 35 -0.94 -10.40 -10.03
N GLY A 36 -0.82 -10.37 -8.71
CA GLY A 36 -0.70 -11.58 -7.93
C GLY A 36 -0.69 -11.28 -6.44
N ALA A 37 0.08 -10.25 -6.09
CA ALA A 37 0.21 -9.85 -4.70
C ALA A 37 -1.17 -9.46 -4.15
N GLY A 38 -1.28 -9.48 -2.83
CA GLY A 38 -2.52 -9.14 -2.17
C GLY A 38 -2.28 -8.20 -0.99
N GLY A 39 -3.36 -7.94 -0.25
CA GLY A 39 -3.37 -6.83 0.68
C GLY A 39 -4.75 -6.65 1.30
N TYR A 40 -4.86 -5.64 2.15
CA TYR A 40 -6.15 -5.26 2.70
C TYR A 40 -6.12 -3.84 3.26
N CYS A 41 -7.27 -3.37 3.67
CA CYS A 41 -7.43 -1.98 4.08
C CYS A 41 -7.31 -1.91 5.61
N TYR A 42 -6.19 -1.35 6.06
CA TYR A 42 -6.06 -0.99 7.46
C TYR A 42 -6.70 0.37 7.74
N ALA A 43 -6.38 0.91 8.91
CA ALA A 43 -6.72 2.29 9.21
C ALA A 43 -6.21 3.20 8.10
N PHE A 44 -7.00 3.31 7.04
CA PHE A 44 -6.78 4.33 6.04
C PHE A 44 -5.38 4.21 5.44
N ALA A 45 -4.97 2.98 5.20
CA ALA A 45 -3.87 2.71 4.29
C ALA A 45 -3.91 1.25 3.85
N CYS A 46 -3.47 1.02 2.61
CA CYS A 46 -3.51 -0.32 2.05
C CYS A 46 -2.22 -1.04 2.45
N TRP A 47 -2.39 -2.06 3.29
CA TRP A 47 -1.29 -2.94 3.63
C TRP A 47 -1.25 -4.07 2.60
N CYS A 48 -0.13 -4.14 1.90
CA CYS A 48 0.10 -5.25 0.98
C CYS A 48 0.91 -6.32 1.70
N THR A 49 0.74 -7.56 1.25
CA THR A 49 1.35 -8.69 1.92
C THR A 49 1.54 -9.86 0.94
N HIS A 50 2.27 -9.58 -0.12
CA HIS A 50 2.94 -10.62 -0.87
C HIS A 50 3.77 -10.00 -2.00
N LEU A 51 4.73 -9.17 -1.59
CA LEU A 51 5.40 -8.30 -2.55
C LEU A 51 6.74 -8.92 -2.95
N TYR A 52 7.48 -8.18 -3.74
CA TYR A 52 8.85 -8.56 -4.06
C TYR A 52 9.87 -7.68 -3.33
N GLU A 53 11.13 -7.96 -3.58
CA GLU A 53 12.20 -7.35 -2.79
C GLU A 53 12.29 -5.85 -3.07
N GLN A 54 11.55 -5.42 -4.09
CA GLN A 54 11.37 -4.01 -4.33
C GLN A 54 10.11 -3.50 -3.63
N ALA A 55 9.81 -4.14 -2.51
CA ALA A 55 8.84 -3.60 -1.58
C ALA A 55 9.47 -2.45 -0.79
N ILE A 56 9.29 -1.25 -1.31
CA ILE A 56 9.37 -0.06 -0.47
C ILE A 56 7.97 0.26 0.09
N VAL A 57 7.95 0.70 1.33
CA VAL A 57 6.72 0.74 2.10
C VAL A 57 6.62 2.09 2.82
N TRP A 58 5.39 2.58 2.89
CA TRP A 58 5.13 3.85 3.57
C TRP A 58 5.51 3.67 5.05
N PRO A 59 5.88 4.81 5.68
CA PRO A 59 6.19 6.02 4.93
C PRO A 59 7.55 5.91 4.25
N LEU A 60 7.86 6.92 3.45
CA LEU A 60 9.23 7.21 3.10
C LEU A 60 10.01 7.56 4.37
N PRO A 61 11.34 7.28 4.32
CA PRO A 61 12.11 7.07 5.54
C PRO A 61 12.38 8.40 6.26
N ASN A 62 12.65 9.42 5.47
CA ASN A 62 12.98 10.72 6.01
C ASN A 62 12.21 11.80 5.24
N LYS A 63 11.03 11.42 4.79
CA LYS A 63 10.16 12.35 4.08
C LYS A 63 8.77 11.76 3.95
N ARG A 64 8.18 11.46 5.10
CA ARG A 64 6.84 10.90 5.14
C ARG A 64 5.83 11.90 4.60
N CYS A 65 4.65 11.38 4.26
CA CYS A 65 3.53 12.24 3.91
C CYS A 65 3.24 13.16 5.11
N SER A 66 3.26 14.45 4.84
CA SER A 66 3.00 15.44 5.87
C SER A 66 1.52 15.41 6.25
N NH2 A 67 1.20 14.54 7.19
HN1 NH2 A 67 1.90 13.96 7.60
HN2 NH2 A 67 0.24 14.47 7.50
N LYS A 1 8.84 -8.47 3.81
CA LYS A 1 8.68 -7.65 2.62
C LYS A 1 7.23 -7.15 2.54
N GLU A 2 6.69 -6.82 3.71
CA GLU A 2 5.33 -6.33 3.79
C GLU A 2 5.28 -4.93 4.39
N GLY A 3 4.23 -4.20 4.05
CA GLY A 3 3.85 -3.04 4.82
C GLY A 3 2.86 -2.16 4.03
N TYR A 4 2.66 -0.95 4.55
CA TYR A 4 1.74 -0.02 3.92
C TYR A 4 2.26 0.41 2.54
N LEU A 5 1.50 0.08 1.52
CA LEU A 5 1.73 0.62 0.19
C LEU A 5 1.83 2.14 0.28
N VAL A 6 2.81 2.68 -0.41
CA VAL A 6 3.14 4.09 -0.28
C VAL A 6 2.83 4.81 -1.59
N ASP A 7 2.45 6.07 -1.47
CA ASP A 7 2.33 6.94 -2.63
C ASP A 7 3.73 7.40 -3.06
N LYS A 8 3.97 7.31 -4.36
CA LYS A 8 5.34 7.28 -4.86
C LYS A 8 5.78 8.69 -5.23
N ASN A 9 4.88 9.64 -4.98
CA ASN A 9 5.17 11.04 -5.24
C ASN A 9 5.57 11.72 -3.94
N THR A 10 4.57 11.94 -3.09
CA THR A 10 4.76 12.74 -1.89
C THR A 10 5.07 11.83 -0.69
N GLY A 11 4.69 10.57 -0.83
CA GLY A 11 4.73 9.65 0.30
C GLY A 11 3.63 9.99 1.31
N CYS A 12 2.47 10.35 0.79
CA CYS A 12 1.32 10.62 1.63
C CYS A 12 0.65 9.28 1.97
N LYS A 13 -0.22 8.85 1.07
CA LYS A 13 -0.97 7.63 1.29
C LYS A 13 -1.83 7.34 0.07
N TYR A 14 -2.56 6.23 0.15
CA TYR A 14 -3.77 6.08 -0.64
C TYR A 14 -5.02 6.21 0.24
N GLU A 15 -4.91 5.65 1.44
CA GLU A 15 -5.92 5.88 2.45
C GLU A 15 -7.25 5.25 2.03
N CYS A 16 -7.48 4.05 2.54
CA CYS A 16 -8.66 3.27 2.13
C CYS A 16 -9.89 3.93 2.77
N LEU A 17 -10.91 4.12 1.93
CA LEU A 17 -12.23 4.46 2.43
C LEU A 17 -12.76 3.32 3.30
N LYS A 18 -12.66 3.52 4.60
CA LYS A 18 -13.20 2.55 5.55
C LYS A 18 -12.33 1.28 5.50
N LEU A 19 -11.76 0.96 6.66
CA LEU A 19 -11.01 -0.27 6.79
C LEU A 19 -11.94 -1.46 6.55
N GLY A 20 -11.33 -2.59 6.22
CA GLY A 20 -12.07 -3.84 6.11
C GLY A 20 -12.32 -4.20 4.65
N ASP A 21 -12.68 -3.18 3.87
CA ASP A 21 -13.09 -3.41 2.49
C ASP A 21 -11.85 -3.70 1.64
N ASN A 22 -11.39 -4.94 1.73
CA ASN A 22 -10.10 -5.31 1.19
C ASN A 22 -10.25 -5.70 -0.28
N ASP A 23 -10.95 -4.85 -1.02
CA ASP A 23 -11.02 -5.01 -2.47
C ASP A 23 -10.16 -3.93 -3.13
N TYR A 24 -10.36 -2.69 -2.70
CA TYR A 24 -9.72 -1.56 -3.33
C TYR A 24 -8.20 -1.62 -3.17
N CYS A 25 -7.78 -1.98 -1.96
CA CYS A 25 -6.37 -2.07 -1.66
C CYS A 25 -5.77 -3.22 -2.48
N LEU A 26 -6.51 -4.33 -2.51
CA LEU A 26 -6.10 -5.47 -3.31
C LEU A 26 -5.99 -5.04 -4.77
N ARG A 27 -6.97 -4.25 -5.21
CA ARG A 27 -7.05 -3.85 -6.60
C ARG A 27 -5.87 -2.95 -6.96
N GLU A 28 -5.53 -2.07 -6.03
CA GLU A 28 -4.53 -1.06 -6.29
C GLU A 28 -3.15 -1.70 -6.40
N CYS A 29 -2.83 -2.51 -5.39
CA CYS A 29 -1.52 -3.15 -5.33
C CYS A 29 -1.42 -4.15 -6.50
N LYS A 30 -2.59 -4.53 -7.00
CA LYS A 30 -2.65 -5.37 -8.18
C LYS A 30 -1.91 -4.67 -9.33
N GLN A 31 -2.34 -3.46 -9.63
CA GLN A 31 -1.91 -2.78 -10.83
C GLN A 31 -0.90 -1.68 -10.49
N GLN A 32 -0.01 -2.01 -9.57
CA GLN A 32 1.22 -1.25 -9.42
C GLN A 32 2.31 -2.12 -8.81
N TYR A 33 1.92 -2.89 -7.81
CA TYR A 33 2.88 -3.71 -7.08
C TYR A 33 2.74 -5.19 -7.47
N GLY A 34 2.02 -5.42 -8.56
CA GLY A 34 2.08 -6.70 -9.24
C GLY A 34 0.76 -7.46 -9.07
N LYS A 35 0.34 -8.10 -10.16
CA LYS A 35 -0.95 -8.75 -10.20
C LYS A 35 -0.86 -10.10 -9.49
N GLY A 36 -0.67 -10.04 -8.19
CA GLY A 36 -0.79 -11.23 -7.36
C GLY A 36 -0.86 -10.86 -5.87
N ALA A 37 -1.64 -9.83 -5.59
CA ALA A 37 -1.56 -9.16 -4.30
C ALA A 37 -2.54 -9.81 -3.32
N GLY A 38 -2.22 -9.70 -2.05
CA GLY A 38 -3.14 -10.12 -1.00
C GLY A 38 -3.47 -8.95 -0.07
N GLY A 39 -2.86 -7.81 -0.37
CA GLY A 39 -3.02 -6.63 0.48
C GLY A 39 -4.50 -6.40 0.81
N TYR A 40 -4.71 -5.64 1.87
CA TYR A 40 -6.07 -5.37 2.35
C TYR A 40 -6.14 -4.03 3.07
N CYS A 41 -7.37 -3.63 3.38
CA CYS A 41 -7.60 -2.31 3.93
C CYS A 41 -7.49 -2.38 5.45
N TYR A 42 -6.35 -1.92 5.95
CA TYR A 42 -6.21 -1.69 7.37
C TYR A 42 -6.77 -0.32 7.77
N ALA A 43 -6.45 0.08 9.00
CA ALA A 43 -6.95 1.33 9.52
C ALA A 43 -6.61 2.46 8.55
N PHE A 44 -7.51 2.68 7.61
CA PHE A 44 -7.34 3.76 6.66
C PHE A 44 -5.94 3.74 6.03
N ALA A 45 -5.51 2.53 5.69
CA ALA A 45 -4.23 2.37 5.02
C ALA A 45 -4.19 0.99 4.36
N CYS A 46 -3.52 0.92 3.22
CA CYS A 46 -3.46 -0.30 2.44
C CYS A 46 -2.18 -1.06 2.83
N TRP A 47 -2.37 -2.06 3.67
CA TRP A 47 -1.27 -2.94 4.03
C TRP A 47 -1.15 -4.01 2.95
N CYS A 48 -0.04 -3.95 2.22
CA CYS A 48 0.18 -4.89 1.13
C CYS A 48 1.26 -5.88 1.56
N THR A 49 1.10 -7.12 1.14
CA THR A 49 1.77 -8.24 1.78
C THR A 49 2.03 -9.36 0.77
N HIS A 50 2.33 -8.96 -0.46
CA HIS A 50 2.76 -9.90 -1.47
C HIS A 50 3.64 -9.19 -2.49
N LEU A 51 4.31 -8.14 -2.03
CA LEU A 51 5.24 -7.41 -2.87
C LEU A 51 6.45 -8.30 -3.18
N TYR A 52 7.45 -7.70 -3.81
CA TYR A 52 8.74 -8.36 -3.98
C TYR A 52 9.79 -7.74 -3.06
N GLU A 53 11.03 -8.16 -3.26
CA GLU A 53 12.13 -7.69 -2.45
C GLU A 53 12.15 -6.16 -2.41
N GLN A 54 11.61 -5.58 -3.48
CA GLN A 54 11.53 -4.13 -3.57
C GLN A 54 10.22 -3.62 -2.98
N ALA A 55 9.74 -4.33 -1.97
CA ALA A 55 8.72 -3.80 -1.09
C ALA A 55 9.21 -2.50 -0.46
N ILE A 56 8.77 -1.39 -1.02
CA ILE A 56 8.85 -0.11 -0.33
C ILE A 56 7.54 0.15 0.40
N VAL A 57 7.68 0.53 1.66
CA VAL A 57 6.51 0.71 2.52
C VAL A 57 6.57 2.09 3.16
N TRP A 58 5.40 2.68 3.36
CA TRP A 58 5.31 4.06 3.81
C TRP A 58 6.06 4.16 5.14
N PRO A 59 6.56 5.39 5.42
CA PRO A 59 6.71 6.40 4.37
C PRO A 59 7.91 6.07 3.47
N LEU A 60 8.19 7.00 2.57
CA LEU A 60 9.53 7.12 2.02
C LEU A 60 10.48 7.55 3.14
N PRO A 61 11.77 7.16 2.96
CA PRO A 61 12.68 7.03 4.10
C PRO A 61 13.12 8.40 4.62
N ASN A 62 13.41 9.29 3.68
CA ASN A 62 13.82 10.64 4.03
C ASN A 62 13.32 11.61 2.96
N LYS A 63 12.04 11.48 2.64
CA LYS A 63 11.36 12.51 1.86
C LYS A 63 9.86 12.20 1.85
N ARG A 64 9.21 12.51 2.96
CA ARG A 64 7.96 11.85 3.30
C ARG A 64 6.85 12.90 3.50
N CYS A 65 5.63 12.46 3.26
CA CYS A 65 4.46 13.27 3.58
C CYS A 65 3.78 12.67 4.80
N SER A 66 3.31 13.54 5.68
CA SER A 66 2.66 13.11 6.90
C SER A 66 1.31 12.47 6.57
N NH2 A 67 0.43 13.27 5.99
HN1 NH2 A 67 0.68 14.23 5.80
HN2 NH2 A 67 -0.48 12.93 5.77
N LYS A 1 7.56 -8.85 2.98
CA LYS A 1 8.03 -7.49 3.17
C LYS A 1 6.83 -6.56 3.33
N GLU A 2 6.05 -6.81 4.39
CA GLU A 2 4.69 -6.33 4.44
C GLU A 2 4.63 -4.98 5.15
N GLY A 3 3.62 -4.20 4.80
CA GLY A 3 3.25 -3.04 5.59
C GLY A 3 2.16 -2.22 4.90
N TYR A 4 2.04 -0.96 5.31
CA TYR A 4 1.09 -0.06 4.70
C TYR A 4 1.68 0.61 3.45
N LEU A 5 1.13 0.23 2.31
CA LEU A 5 1.79 0.51 1.04
C LEU A 5 1.97 2.02 0.90
N VAL A 6 2.85 2.39 -0.04
CA VAL A 6 3.34 3.75 -0.11
C VAL A 6 3.03 4.32 -1.50
N ASP A 7 2.76 5.62 -1.51
CA ASP A 7 2.57 6.33 -2.78
C ASP A 7 3.93 6.81 -3.28
N LYS A 8 4.22 6.49 -4.54
CA LYS A 8 5.57 6.59 -5.05
C LYS A 8 5.95 8.07 -5.19
N ASN A 9 4.92 8.91 -5.26
CA ASN A 9 5.12 10.32 -5.48
C ASN A 9 5.34 11.03 -4.14
N THR A 10 4.25 11.18 -3.41
CA THR A 10 4.25 12.02 -2.22
C THR A 10 4.56 11.18 -0.98
N GLY A 11 4.50 9.87 -1.16
CA GLY A 11 4.59 8.96 -0.03
C GLY A 11 3.65 9.38 1.11
N CYS A 12 2.44 9.73 0.72
CA CYS A 12 1.43 10.15 1.69
C CYS A 12 0.48 8.98 1.92
N LYS A 13 0.71 7.90 1.17
CA LYS A 13 0.03 6.65 1.42
C LYS A 13 -1.44 6.79 1.02
N TYR A 14 -2.10 5.64 0.87
CA TYR A 14 -3.49 5.62 0.46
C TYR A 14 -4.39 5.16 1.60
N GLU A 15 -5.55 5.81 1.69
CA GLU A 15 -6.57 5.39 2.64
C GLU A 15 -7.52 4.39 1.99
N CYS A 16 -8.43 3.87 2.80
CA CYS A 16 -9.58 3.15 2.28
C CYS A 16 -10.78 3.41 3.20
N LEU A 17 -11.97 3.19 2.66
CA LEU A 17 -13.16 3.81 3.22
C LEU A 17 -13.53 3.13 4.54
N LYS A 18 -13.78 1.83 4.44
CA LYS A 18 -14.09 1.04 5.62
C LYS A 18 -13.14 -0.16 5.70
N LEU A 19 -12.66 -0.42 6.89
CA LEU A 19 -11.85 -1.61 7.14
C LEU A 19 -12.65 -2.85 6.74
N GLY A 20 -12.01 -3.68 5.92
CA GLY A 20 -12.69 -4.83 5.34
C GLY A 20 -12.83 -4.67 3.83
N ASP A 21 -12.84 -3.42 3.39
CA ASP A 21 -13.04 -3.12 1.99
C ASP A 21 -11.74 -3.43 1.23
N ASN A 22 -11.47 -4.72 1.10
CA ASN A 22 -10.16 -5.16 0.63
C ASN A 22 -10.19 -5.32 -0.90
N ASP A 23 -10.86 -4.37 -1.54
CA ASP A 23 -11.06 -4.44 -2.98
C ASP A 23 -10.14 -3.44 -3.66
N TYR A 24 -10.29 -2.18 -3.28
CA TYR A 24 -9.43 -1.13 -3.80
C TYR A 24 -7.97 -1.37 -3.43
N CYS A 25 -7.78 -1.84 -2.20
CA CYS A 25 -6.44 -2.01 -1.67
C CYS A 25 -5.72 -3.08 -2.49
N LEU A 26 -6.47 -4.14 -2.80
CA LEU A 26 -5.94 -5.21 -3.64
C LEU A 26 -5.60 -4.67 -5.02
N ARG A 27 -6.62 -4.10 -5.66
CA ARG A 27 -6.48 -3.65 -7.04
C ARG A 27 -5.29 -2.68 -7.16
N GLU A 28 -5.17 -1.83 -6.15
CA GLU A 28 -4.12 -0.82 -6.16
C GLU A 28 -2.74 -1.48 -6.17
N CYS A 29 -2.49 -2.26 -5.13
CA CYS A 29 -1.19 -2.88 -4.96
C CYS A 29 -0.95 -3.82 -6.15
N LYS A 30 -2.04 -4.30 -6.71
CA LYS A 30 -1.97 -5.16 -7.88
C LYS A 30 -1.39 -4.38 -9.06
N GLN A 31 -2.03 -3.25 -9.34
CA GLN A 31 -1.64 -2.44 -10.48
C GLN A 31 -0.91 -1.17 -10.01
N GLN A 32 0.07 -1.38 -9.15
CA GLN A 32 1.00 -0.31 -8.81
C GLN A 32 2.21 -0.88 -8.07
N TYR A 33 1.96 -1.93 -7.30
CA TYR A 33 3.04 -2.67 -6.67
C TYR A 33 3.04 -4.13 -7.12
N GLY A 34 2.63 -4.33 -8.37
CA GLY A 34 2.90 -5.59 -9.05
C GLY A 34 1.68 -6.51 -9.00
N LYS A 35 1.39 -7.12 -10.14
CA LYS A 35 0.14 -7.82 -10.32
C LYS A 35 0.20 -9.19 -9.65
N GLY A 36 0.22 -9.15 -8.32
CA GLY A 36 -0.02 -10.35 -7.53
C GLY A 36 -0.20 -10.01 -6.05
N ALA A 37 -1.27 -9.28 -5.78
CA ALA A 37 -1.45 -8.66 -4.47
C ALA A 37 -2.43 -9.50 -3.65
N GLY A 38 -2.21 -9.49 -2.35
CA GLY A 38 -3.22 -9.98 -1.41
C GLY A 38 -3.61 -8.90 -0.41
N GLY A 39 -2.98 -7.75 -0.54
CA GLY A 39 -3.20 -6.65 0.39
C GLY A 39 -4.70 -6.40 0.59
N TYR A 40 -5.00 -5.66 1.64
CA TYR A 40 -6.38 -5.46 2.05
C TYR A 40 -6.54 -4.15 2.83
N CYS A 41 -7.76 -3.91 3.27
CA CYS A 41 -8.09 -2.66 3.94
C CYS A 41 -8.13 -2.94 5.44
N TYR A 42 -7.14 -2.40 6.14
CA TYR A 42 -7.19 -2.33 7.59
C TYR A 42 -7.98 -1.12 8.06
N ALA A 43 -7.77 -0.76 9.31
CA ALA A 43 -8.28 0.50 9.83
C ALA A 43 -7.87 1.65 8.90
N PHE A 44 -8.66 1.85 7.87
CA PHE A 44 -8.55 3.05 7.07
C PHE A 44 -7.13 3.24 6.55
N ALA A 45 -6.51 2.13 6.20
CA ALA A 45 -5.27 2.17 5.42
C ALA A 45 -5.05 0.82 4.76
N CYS A 46 -4.33 0.85 3.64
CA CYS A 46 -4.18 -0.34 2.82
C CYS A 46 -2.87 -1.04 3.23
N TRP A 47 -3.03 -2.25 3.74
CA TRP A 47 -1.88 -3.03 4.16
C TRP A 47 -1.64 -4.12 3.12
N CYS A 48 -0.42 -4.15 2.59
CA CYS A 48 -0.10 -5.02 1.47
C CYS A 48 0.96 -6.02 1.92
N THR A 49 0.87 -7.21 1.37
CA THR A 49 1.49 -8.38 1.98
C THR A 49 1.81 -9.43 0.92
N HIS A 50 2.16 -8.94 -0.26
CA HIS A 50 2.57 -9.84 -1.34
C HIS A 50 3.37 -9.04 -2.38
N LEU A 51 4.11 -8.07 -1.88
CA LEU A 51 5.05 -7.34 -2.71
C LEU A 51 6.27 -8.22 -2.99
N TYR A 52 7.25 -7.63 -3.66
CA TYR A 52 8.58 -8.20 -3.71
C TYR A 52 9.55 -7.39 -2.86
N GLU A 53 10.81 -7.82 -2.87
CA GLU A 53 11.84 -7.18 -2.07
C GLU A 53 11.94 -5.69 -2.42
N GLN A 54 11.54 -5.38 -3.65
CA GLN A 54 11.56 -4.01 -4.11
C GLN A 54 10.25 -3.30 -3.73
N ALA A 55 9.70 -3.72 -2.60
CA ALA A 55 8.97 -2.80 -1.75
C ALA A 55 9.89 -2.29 -0.64
N ILE A 56 9.90 -0.97 -0.46
CA ILE A 56 10.00 -0.40 0.86
C ILE A 56 8.69 0.33 1.20
N VAL A 57 8.14 -0.04 2.35
CA VAL A 57 6.80 0.39 2.71
C VAL A 57 6.88 1.79 3.33
N TRP A 58 5.72 2.30 3.72
CA TRP A 58 5.56 3.72 3.98
C TRP A 58 6.36 4.05 5.25
N PRO A 59 6.78 5.33 5.34
CA PRO A 59 6.85 6.19 4.17
C PRO A 59 8.05 5.81 3.29
N LEU A 60 8.35 6.71 2.36
CA LEU A 60 9.69 6.79 1.80
C LEU A 60 10.66 7.22 2.90
N PRO A 61 11.95 6.85 2.71
CA PRO A 61 13.01 7.36 3.55
C PRO A 61 13.34 8.82 3.21
N ASN A 62 13.68 9.03 1.95
CA ASN A 62 14.46 10.20 1.58
C ASN A 62 13.55 11.21 0.87
N LYS A 63 12.25 10.91 0.90
CA LYS A 63 11.27 11.81 0.32
C LYS A 63 9.88 11.44 0.86
N ARG A 64 9.77 11.46 2.18
CA ARG A 64 8.49 11.27 2.82
C ARG A 64 7.55 12.45 2.50
N CYS A 65 6.28 12.25 2.82
CA CYS A 65 5.30 13.32 2.67
C CYS A 65 5.64 14.43 3.65
N SER A 66 5.37 15.66 3.23
CA SER A 66 5.75 16.82 4.02
C SER A 66 5.04 16.78 5.38
N NH2 A 67 3.72 16.85 5.32
HN1 NH2 A 67 3.26 16.84 4.44
HN2 NH2 A 67 3.19 16.92 6.17
#